data_8QQ5
#
_entry.id   8QQ5
#
_cell.length_a   104.880
_cell.length_b   104.880
_cell.length_c   139.290
_cell.angle_alpha   90.000
_cell.angle_beta   90.000
_cell.angle_gamma   90.000
#
_symmetry.space_group_name_H-M   'P 41 21 2'
#
loop_
_entity.id
_entity.type
_entity.pdbx_description
1 polymer Oxidoreductase
2 non-polymer 'FLAVIN-ADENINE DINUCLEOTIDE'
3 non-polymer 'CHLORIDE ION'
4 water water
#
_entity_poly.entity_id   1
_entity_poly.type   'polypeptide(L)'
_entity_poly.pdbx_seq_one_letter_code
;GSKISFPYLGKITHLKRLNHDTREIQIHLSRPFNYQSGQFAFLKIFQEGFESAPHPFSISGGHGQTLYFTVKTSGDHTKN
IYDNLQAGSKVTLDRAYGHMIIEEGRENQVWIAGGIGITPFISYIREHPILDKQVHFYYSFRGDENAVYLDLLRNYAQKN
PNFELHLIDSTKDGYLNFEQKEVPEHATVYMCGPISMMKALAKQIKKQNPKTELIYEGFKFK
;
_entity_poly.pdbx_strand_id   A,B,C
#
loop_
_chem_comp.id
_chem_comp.type
_chem_comp.name
_chem_comp.formula
CL non-polymer 'CHLORIDE ION' 'Cl -1'
FAD non-polymer 'FLAVIN-ADENINE DINUCLEOTIDE' 'C27 H33 N9 O15 P2'
#
# COMPACT_ATOMS: atom_id res chain seq x y z
N GLY A 1 -4.51 42.39 13.66
CA GLY A 1 -4.08 41.69 12.41
C GLY A 1 -2.79 40.90 12.61
N SER A 2 -2.58 40.41 13.83
CA SER A 2 -1.33 39.79 14.28
C SER A 2 -1.25 38.31 13.86
N LYS A 3 -2.15 37.86 12.97
CA LYS A 3 -2.07 36.50 12.45
C LYS A 3 -2.34 36.48 10.95
N ILE A 4 -1.49 35.79 10.21
CA ILE A 4 -1.75 35.57 8.79
C ILE A 4 -2.57 34.29 8.65
N SER A 5 -3.85 34.43 8.28
CA SER A 5 -4.72 33.26 8.17
C SER A 5 -5.22 33.03 6.74
N PHE A 6 -5.00 31.81 6.27
CA PHE A 6 -5.43 31.36 4.95
C PHE A 6 -6.74 30.59 5.08
N PRO A 7 -7.65 30.67 4.07
CA PRO A 7 -8.92 29.97 4.14
C PRO A 7 -8.64 28.47 4.08
N TYR A 8 -9.57 27.67 4.61
CA TYR A 8 -9.46 26.23 4.49
C TYR A 8 -9.99 25.79 3.13
N LEU A 9 -9.06 25.33 2.29
CA LEU A 9 -9.34 24.78 0.99
C LEU A 9 -9.99 23.41 1.17
N GLY A 10 -11.05 23.14 0.40
CA GLY A 10 -11.75 21.87 0.48
C GLY A 10 -12.22 21.35 -0.87
N LYS A 11 -12.50 20.03 -0.92
CA LYS A 11 -13.11 19.30 -2.02
C LYS A 11 -14.37 18.64 -1.45
N ILE A 12 -15.47 18.72 -2.19
CA ILE A 12 -16.66 17.99 -1.77
C ILE A 12 -16.51 16.51 -2.16
N THR A 13 -16.62 15.61 -1.16
CA THR A 13 -16.47 14.17 -1.40
C THR A 13 -17.77 13.37 -1.50
N HIS A 14 -18.81 13.72 -0.74
CA HIS A 14 -20.08 12.99 -0.79
C HIS A 14 -21.19 13.96 -0.49
N LEU A 15 -22.34 13.64 -1.06
CA LEU A 15 -23.56 14.38 -0.80
C LEU A 15 -24.65 13.33 -0.65
N LYS A 16 -25.65 13.59 0.20
CA LYS A 16 -26.81 12.72 0.37
C LYS A 16 -28.01 13.60 0.66
N ARG A 17 -29.05 13.41 -0.15
CA ARG A 17 -30.34 14.05 0.04
C ARG A 17 -31.07 13.30 1.15
N LEU A 18 -31.20 13.91 2.33
CA LEU A 18 -31.76 13.18 3.45
C LEU A 18 -33.27 13.11 3.32
N ASN A 19 -33.86 14.19 2.84
CA ASN A 19 -35.28 14.16 2.53
C ASN A 19 -35.52 15.09 1.34
N HIS A 20 -36.79 15.47 1.16
CA HIS A 20 -37.22 16.16 -0.05
C HIS A 20 -36.53 17.52 -0.17
N ASP A 21 -35.95 18.06 0.92
CA ASP A 21 -35.44 19.41 0.81
C ASP A 21 -34.14 19.63 1.59
N THR A 22 -33.54 18.58 2.13
CA THR A 22 -32.36 18.81 2.94
C THR A 22 -31.27 17.91 2.40
N ARG A 23 -30.03 18.43 2.32
CA ARG A 23 -28.95 17.67 1.71
C ARG A 23 -27.72 17.80 2.58
N GLU A 24 -27.01 16.67 2.75
CA GLU A 24 -25.83 16.64 3.57
C GLU A 24 -24.58 16.68 2.70
N ILE A 25 -23.69 17.63 3.00
CA ILE A 25 -22.45 17.77 2.25
C ILE A 25 -21.34 17.27 3.15
N GLN A 26 -20.47 16.44 2.57
CA GLN A 26 -19.26 15.96 3.21
C GLN A 26 -18.06 16.58 2.50
N ILE A 27 -17.18 17.19 3.29
CA ILE A 27 -16.09 17.93 2.71
C ILE A 27 -14.81 17.31 3.22
N HIS A 28 -13.79 17.23 2.36
CA HIS A 28 -12.43 17.01 2.81
C HIS A 28 -11.64 18.32 2.75
N LEU A 29 -10.94 18.67 3.84
CA LEU A 29 -10.14 19.89 3.86
C LEU A 29 -8.66 19.53 3.68
N SER A 30 -7.83 20.51 3.27
CA SER A 30 -6.42 20.30 2.97
C SER A 30 -5.60 20.22 4.26
N ARG A 31 -6.18 20.70 5.34
CA ARG A 31 -5.49 20.74 6.61
C ARG A 31 -6.50 20.73 7.77
N PRO A 32 -6.13 20.22 8.97
CA PRO A 32 -7.10 20.03 10.05
C PRO A 32 -7.81 21.32 10.47
N PHE A 33 -9.05 21.16 10.93
CA PHE A 33 -9.93 22.29 11.16
C PHE A 33 -10.47 22.23 12.60
N ASN A 34 -10.38 23.34 13.32
CA ASN A 34 -10.86 23.38 14.68
C ASN A 34 -12.31 23.82 14.66
N TYR A 35 -13.14 23.08 15.40
CA TYR A 35 -14.41 23.63 15.82
C TYR A 35 -14.85 22.89 17.08
N GLN A 36 -15.95 23.35 17.66
CA GLN A 36 -16.59 22.60 18.71
C GLN A 36 -18.09 22.54 18.41
N SER A 37 -18.66 21.33 18.53
CA SER A 37 -20.09 21.08 18.32
C SER A 37 -20.95 22.25 18.77
N GLY A 38 -21.73 22.80 17.82
CA GLY A 38 -22.64 23.90 18.07
C GLY A 38 -22.21 25.21 17.40
N GLN A 39 -21.01 25.17 16.83
CA GLN A 39 -20.50 26.31 16.07
C GLN A 39 -20.88 26.18 14.61
N PHE A 40 -20.88 27.31 13.89
CA PHE A 40 -21.10 27.30 12.46
C PHE A 40 -19.86 27.81 11.72
N ALA A 41 -19.92 27.80 10.38
CA ALA A 41 -18.85 28.32 9.56
C ALA A 41 -19.40 28.91 8.25
N PHE A 42 -18.54 29.65 7.53
CA PHE A 42 -18.89 30.33 6.31
C PHE A 42 -18.28 29.56 5.15
N LEU A 43 -19.15 28.99 4.32
CA LEU A 43 -18.73 28.11 3.26
C LEU A 43 -18.86 28.87 1.94
N LYS A 44 -17.86 28.73 1.07
CA LYS A 44 -17.86 29.37 -0.23
C LYS A 44 -17.76 28.25 -1.26
N ILE A 45 -18.67 28.24 -2.24
CA ILE A 45 -18.69 27.17 -3.21
C ILE A 45 -18.16 27.67 -4.55
N PHE A 46 -17.28 26.87 -5.17
CA PHE A 46 -16.73 27.18 -6.48
C PHE A 46 -17.08 26.05 -7.43
N GLN A 47 -18.25 26.20 -8.06
CA GLN A 47 -18.74 25.30 -9.09
C GLN A 47 -19.48 26.20 -10.07
N GLU A 48 -19.35 25.86 -11.37
CA GLU A 48 -20.03 26.52 -12.46
C GLU A 48 -21.53 26.52 -12.16
N GLY A 49 -22.10 27.72 -12.04
CA GLY A 49 -23.54 27.85 -11.88
C GLY A 49 -23.87 28.19 -10.43
N PHE A 50 -22.82 28.31 -9.61
CA PHE A 50 -22.98 28.58 -8.19
C PHE A 50 -22.44 29.96 -7.89
N GLU A 51 -23.13 30.70 -7.04
CA GLU A 51 -22.51 31.90 -6.50
C GLU A 51 -21.48 31.51 -5.44
N SER A 52 -20.34 32.21 -5.43
CA SER A 52 -19.24 31.90 -4.55
C SER A 52 -19.27 32.76 -3.28
N ALA A 53 -20.40 33.40 -3.01
CA ALA A 53 -20.49 34.23 -1.82
C ALA A 53 -20.49 33.33 -0.58
N PRO A 54 -20.08 33.86 0.59
CA PRO A 54 -20.02 33.01 1.80
C PRO A 54 -21.37 32.94 2.50
N HIS A 55 -21.89 31.72 2.66
CA HIS A 55 -23.07 31.45 3.46
C HIS A 55 -22.71 30.76 4.78
N PRO A 56 -23.31 31.14 5.92
CA PRO A 56 -23.06 30.41 7.16
C PRO A 56 -23.95 29.16 7.26
N PHE A 57 -23.35 28.04 7.66
CA PHE A 57 -24.13 26.87 8.01
C PHE A 57 -23.49 26.21 9.23
N SER A 58 -24.35 25.71 10.14
CA SER A 58 -23.92 24.96 11.32
C SER A 58 -23.12 23.75 10.88
N ILE A 59 -22.03 23.48 11.59
CA ILE A 59 -21.29 22.28 11.27
C ILE A 59 -22.06 21.12 11.86
N SER A 60 -22.22 20.05 11.07
CA SER A 60 -23.09 18.98 11.51
C SER A 60 -22.31 17.68 11.64
N GLY A 61 -20.99 17.76 11.60
CA GLY A 61 -20.20 16.60 11.95
C GLY A 61 -18.77 16.79 11.45
N GLY A 62 -17.91 15.82 11.79
CA GLY A 62 -16.54 15.75 11.33
C GLY A 62 -15.53 16.15 12.39
N HIS A 63 -14.30 15.66 12.20
CA HIS A 63 -13.15 16.09 12.97
C HIS A 63 -11.97 16.04 12.01
N GLY A 64 -10.93 16.83 12.31
CA GLY A 64 -9.68 16.80 11.56
C GLY A 64 -9.84 17.41 10.16
N GLN A 65 -9.77 16.56 9.15
CA GLN A 65 -9.84 17.00 7.75
C GLN A 65 -11.21 16.68 7.13
N THR A 66 -12.16 16.20 7.94
CA THR A 66 -13.50 15.94 7.48
C THR A 66 -14.45 16.91 8.18
N LEU A 67 -15.35 17.48 7.37
CA LEU A 67 -16.33 18.43 7.86
C LEU A 67 -17.62 18.11 7.12
N TYR A 68 -18.75 18.19 7.85
CA TYR A 68 -20.08 17.93 7.30
C TYR A 68 -20.96 19.16 7.52
N PHE A 69 -21.77 19.47 6.50
CA PHE A 69 -22.85 20.40 6.65
C PHE A 69 -24.15 19.76 6.15
N THR A 70 -25.27 20.22 6.73
CA THR A 70 -26.58 19.77 6.30
C THR A 70 -27.41 20.99 5.92
N VAL A 71 -27.83 21.04 4.63
CA VAL A 71 -28.45 22.24 4.06
C VAL A 71 -29.91 21.99 3.74
N LYS A 72 -30.76 22.89 4.26
CA LYS A 72 -32.17 22.85 3.94
C LYS A 72 -32.48 23.96 2.95
N THR A 73 -33.16 23.60 1.88
CA THR A 73 -33.64 24.55 0.89
C THR A 73 -34.49 25.62 1.54
N SER A 74 -34.21 26.89 1.25
CA SER A 74 -34.93 28.02 1.81
C SER A 74 -34.97 29.18 0.82
N GLY A 75 -34.01 29.20 -0.11
CA GLY A 75 -33.90 30.21 -1.16
C GLY A 75 -33.12 29.64 -2.33
N ASP A 76 -32.58 30.51 -3.19
CA ASP A 76 -32.03 30.02 -4.46
C ASP A 76 -30.71 29.28 -4.28
N HIS A 77 -29.83 29.81 -3.43
CA HIS A 77 -28.52 29.18 -3.24
C HIS A 77 -28.69 27.76 -2.70
N THR A 78 -29.48 27.64 -1.62
CA THR A 78 -29.73 26.36 -0.98
C THR A 78 -30.48 25.43 -1.92
N LYS A 79 -31.35 25.97 -2.76
CA LYS A 79 -32.09 25.18 -3.73
C LYS A 79 -31.11 24.66 -4.77
N ASN A 80 -30.14 25.50 -5.15
CA ASN A 80 -29.08 25.15 -6.07
C ASN A 80 -28.22 24.03 -5.47
N ILE A 81 -27.93 24.17 -4.17
CA ILE A 81 -27.21 23.17 -3.39
C ILE A 81 -27.92 21.82 -3.46
N TYR A 82 -29.20 21.78 -3.07
CA TYR A 82 -29.96 20.53 -3.11
C TYR A 82 -29.93 19.89 -4.48
N ASP A 83 -30.06 20.73 -5.51
CA ASP A 83 -30.37 20.25 -6.84
C ASP A 83 -29.09 19.95 -7.61
N ASN A 84 -28.07 20.82 -7.53
CA ASN A 84 -27.01 20.90 -8.53
C ASN A 84 -25.58 20.73 -7.98
N LEU A 85 -25.38 20.83 -6.65
CA LEU A 85 -24.04 20.76 -6.09
C LEU A 85 -23.46 19.38 -6.34
N GLN A 86 -22.13 19.30 -6.49
CA GLN A 86 -21.53 18.14 -7.14
C GLN A 86 -20.24 17.79 -6.42
N ALA A 87 -20.06 16.49 -6.13
CA ALA A 87 -18.79 15.93 -5.70
C ALA A 87 -17.69 16.34 -6.67
N GLY A 88 -16.51 16.69 -6.12
CA GLY A 88 -15.47 17.27 -6.95
C GLY A 88 -15.30 18.76 -6.72
N SER A 89 -16.39 19.45 -6.50
CA SER A 89 -16.27 20.88 -6.39
C SER A 89 -15.47 21.42 -5.25
N LYS A 90 -14.74 22.46 -5.55
CA LYS A 90 -13.87 23.10 -4.62
C LYS A 90 -14.61 24.05 -3.72
N VAL A 91 -14.19 24.10 -2.47
CA VAL A 91 -14.79 24.99 -1.52
C VAL A 91 -13.75 25.51 -0.58
N THR A 92 -14.04 26.62 0.07
CA THR A 92 -13.16 27.10 1.13
C THR A 92 -14.05 27.44 2.33
N LEU A 93 -13.42 27.53 3.48
CA LEU A 93 -14.06 27.95 4.69
C LEU A 93 -13.08 28.87 5.38
N ASP A 94 -13.58 29.84 6.12
CA ASP A 94 -12.72 30.77 6.85
C ASP A 94 -12.30 30.13 8.17
N ARG A 95 -13.27 29.88 9.05
CA ARG A 95 -12.98 29.39 10.39
C ARG A 95 -14.30 29.28 11.14
N ALA A 96 -14.27 28.59 12.29
CA ALA A 96 -15.46 28.35 13.10
C ALA A 96 -15.90 29.64 13.80
N TYR A 97 -17.21 29.81 14.03
CA TYR A 97 -17.76 30.92 14.78
C TYR A 97 -18.92 30.45 15.66
N GLY A 98 -19.34 31.33 16.59
CA GLY A 98 -20.53 31.10 17.39
C GLY A 98 -20.19 30.86 18.87
N HIS A 99 -21.19 31.08 19.72
CA HIS A 99 -21.01 30.92 21.15
C HIS A 99 -21.96 29.86 21.68
N MET A 100 -22.00 28.73 21.01
CA MET A 100 -22.87 27.68 21.43
C MET A 100 -22.09 26.42 21.53
N ILE A 101 -21.19 26.36 22.50
CA ILE A 101 -20.39 25.17 22.69
C ILE A 101 -21.18 24.31 23.61
N ILE A 102 -21.45 23.09 23.18
CA ILE A 102 -22.22 22.19 23.99
C ILE A 102 -21.34 21.56 25.06
N GLU A 103 -20.07 21.37 24.73
CA GLU A 103 -19.10 20.81 25.66
C GLU A 103 -19.09 21.56 26.99
N GLU A 104 -19.08 22.90 26.92
CA GLU A 104 -18.79 23.77 28.06
C GLU A 104 -20.00 23.95 28.96
N GLY A 105 -21.16 23.44 28.53
CA GLY A 105 -22.38 23.53 29.31
C GLY A 105 -22.34 22.58 30.50
N ARG A 106 -23.35 22.66 31.36
CA ARG A 106 -23.39 21.87 32.58
C ARG A 106 -23.42 20.36 32.27
N GLU A 107 -23.32 19.53 33.31
CA GLU A 107 -23.49 18.10 33.18
C GLU A 107 -24.86 17.86 32.56
N ASN A 108 -25.85 18.59 33.06
CA ASN A 108 -27.25 18.46 32.67
C ASN A 108 -27.56 19.47 31.58
N GLN A 109 -28.19 18.99 30.50
CA GLN A 109 -28.45 19.79 29.31
C GLN A 109 -29.80 19.44 28.68
N VAL A 110 -30.54 20.49 28.34
CA VAL A 110 -31.75 20.34 27.53
C VAL A 110 -31.39 20.87 26.14
N TRP A 111 -31.79 20.14 25.08
CA TRP A 111 -31.55 20.50 23.70
C TRP A 111 -32.89 20.67 23.01
N ILE A 112 -33.08 21.84 22.38
CA ILE A 112 -34.27 22.05 21.57
C ILE A 112 -33.83 22.39 20.14
N ALA A 113 -34.39 21.65 19.17
CA ALA A 113 -34.16 21.88 17.75
C ALA A 113 -35.50 21.98 17.01
N GLY A 114 -35.64 23.07 16.24
CA GLY A 114 -36.72 23.16 15.27
C GLY A 114 -36.13 23.02 13.87
N GLY A 115 -36.59 21.99 13.13
CA GLY A 115 -36.25 21.85 11.72
C GLY A 115 -34.76 21.63 11.53
N ILE A 116 -34.12 22.43 10.65
CA ILE A 116 -32.71 22.22 10.30
C ILE A 116 -31.82 22.70 11.46
N GLY A 117 -32.45 23.24 12.52
CA GLY A 117 -31.78 23.57 13.75
C GLY A 117 -31.23 22.35 14.51
N ILE A 118 -31.39 21.19 13.96
CA ILE A 118 -30.88 20.03 14.60
C ILE A 118 -29.42 19.84 14.29
N THR A 119 -28.90 20.53 13.29
CA THR A 119 -27.55 20.34 12.83
C THR A 119 -26.44 20.45 13.84
N PRO A 120 -26.50 21.42 14.70
CA PRO A 120 -25.46 21.54 15.70
C PRO A 120 -25.46 20.36 16.61
N PHE A 121 -26.59 19.77 16.89
CA PHE A 121 -26.59 18.66 17.85
C PHE A 121 -26.10 17.36 17.21
N ILE A 122 -26.42 17.16 15.92
CA ILE A 122 -25.86 16.08 15.10
C ILE A 122 -24.34 16.12 15.18
N SER A 123 -23.80 17.34 15.20
CA SER A 123 -22.38 17.54 15.45
C SER A 123 -21.97 16.84 16.74
N TYR A 124 -22.61 17.23 17.84
CA TYR A 124 -22.28 16.69 19.14
C TYR A 124 -22.41 15.17 19.08
N ILE A 125 -23.56 14.68 18.61
CA ILE A 125 -23.80 13.25 18.65
C ILE A 125 -22.71 12.52 17.86
N ARG A 126 -22.33 13.08 16.71
CA ARG A 126 -21.42 12.37 15.84
C ARG A 126 -20.05 12.27 16.46
N GLU A 127 -19.62 13.29 17.22
CA GLU A 127 -18.26 13.36 17.77
C GLU A 127 -18.22 12.91 19.25
N HIS A 128 -19.35 12.57 19.85
CA HIS A 128 -19.27 12.00 21.18
C HIS A 128 -20.09 10.71 21.19
N PRO A 129 -19.56 9.63 20.55
CA PRO A 129 -20.30 8.38 20.34
C PRO A 129 -20.80 7.79 21.65
N ILE A 130 -19.96 7.84 22.68
CA ILE A 130 -20.40 7.59 24.03
C ILE A 130 -20.61 8.95 24.71
N LEU A 131 -21.81 9.16 25.26
CA LEU A 131 -22.29 10.44 25.75
C LEU A 131 -21.96 10.60 27.24
N ASP A 132 -21.28 11.69 27.61
CA ASP A 132 -20.89 11.98 28.99
C ASP A 132 -22.02 12.69 29.73
N LYS A 133 -22.70 13.61 29.03
CA LYS A 133 -23.68 14.49 29.64
C LYS A 133 -25.01 13.77 29.80
N GLN A 134 -25.95 14.50 30.39
CA GLN A 134 -27.30 14.06 30.66
C GLN A 134 -28.21 14.92 29.79
N VAL A 135 -28.90 14.30 28.82
CA VAL A 135 -29.49 15.07 27.74
C VAL A 135 -30.96 14.73 27.55
N HIS A 136 -31.82 15.75 27.70
CA HIS A 136 -33.18 15.73 27.18
C HIS A 136 -33.23 16.50 25.84
N PHE A 137 -33.64 15.84 24.75
CA PHE A 137 -33.58 16.42 23.41
C PHE A 137 -34.95 16.41 22.77
N TYR A 138 -35.39 17.62 22.45
CA TYR A 138 -36.68 17.89 21.82
C TYR A 138 -36.41 18.31 20.38
N TYR A 139 -36.84 17.46 19.47
CA TYR A 139 -36.73 17.72 18.05
C TYR A 139 -38.11 18.01 17.51
N SER A 140 -38.30 19.25 17.10
CA SER A 140 -39.55 19.67 16.52
C SER A 140 -39.41 19.86 15.00
N PHE A 141 -40.39 19.32 14.27
CA PHE A 141 -40.36 19.30 12.81
C PHE A 141 -41.79 19.37 12.32
N ARG A 142 -41.99 19.95 11.13
CA ARG A 142 -43.32 20.13 10.56
C ARG A 142 -43.67 18.92 9.72
N GLY A 143 -44.15 17.84 10.35
CA GLY A 143 -44.51 16.66 9.59
C GLY A 143 -43.33 15.70 9.46
N ASP A 144 -43.63 14.39 9.45
CA ASP A 144 -42.59 13.38 9.41
C ASP A 144 -41.59 13.63 8.27
N GLU A 145 -42.05 14.17 7.13
CA GLU A 145 -41.24 14.35 5.94
C GLU A 145 -40.22 15.49 6.10
N ASN A 146 -40.30 16.23 7.19
CA ASN A 146 -39.34 17.29 7.43
C ASN A 146 -38.38 16.83 8.52
N ALA A 147 -38.54 15.59 9.00
CA ALA A 147 -37.58 15.12 9.98
C ALA A 147 -36.36 14.61 9.21
N VAL A 148 -35.18 14.70 9.83
CA VAL A 148 -33.96 14.10 9.34
C VAL A 148 -33.24 13.42 10.49
N TYR A 149 -32.41 12.42 10.15
CA TYR A 149 -31.40 11.83 11.03
C TYR A 149 -32.06 10.98 12.10
N LEU A 150 -33.37 10.70 11.93
CA LEU A 150 -34.18 9.86 12.82
C LEU A 150 -33.46 8.59 13.25
N ASP A 151 -32.93 7.82 12.29
CA ASP A 151 -32.25 6.56 12.55
C ASP A 151 -31.02 6.82 13.40
N LEU A 152 -30.30 7.87 13.05
CA LEU A 152 -29.12 8.21 13.80
C LEU A 152 -29.49 8.49 15.27
N LEU A 153 -30.56 9.30 15.51
CA LEU A 153 -31.00 9.66 16.85
C LEU A 153 -31.47 8.41 17.62
N ARG A 154 -32.30 7.59 17.00
CA ARG A 154 -32.74 6.36 17.66
C ARG A 154 -31.54 5.46 17.98
N ASN A 155 -30.58 5.31 17.06
CA ASN A 155 -29.41 4.51 17.36
C ASN A 155 -28.69 5.09 18.58
N TYR A 156 -28.67 6.43 18.68
CA TYR A 156 -27.94 7.11 19.74
C TYR A 156 -28.61 6.90 21.10
N ALA A 157 -29.95 6.82 21.11
CA ALA A 157 -30.69 6.58 22.34
C ALA A 157 -30.39 5.16 22.83
N GLN A 158 -30.36 4.22 21.87
CA GLN A 158 -30.06 2.83 22.16
C GLN A 158 -28.67 2.68 22.76
N LYS A 159 -27.71 3.53 22.39
CA LYS A 159 -26.35 3.31 22.82
C LYS A 159 -26.13 4.08 24.12
N ASN A 160 -26.93 5.14 24.29
CA ASN A 160 -26.75 6.10 25.37
C ASN A 160 -28.08 6.28 26.13
N PRO A 161 -28.23 5.58 27.28
CA PRO A 161 -29.50 5.62 28.02
C PRO A 161 -29.65 6.97 28.74
N ASN A 162 -28.53 7.67 28.95
CA ASN A 162 -28.60 9.01 29.53
C ASN A 162 -28.98 10.02 28.45
N PHE A 163 -29.46 9.55 27.32
CA PHE A 163 -29.89 10.38 26.20
C PHE A 163 -31.37 10.17 26.06
N GLU A 164 -32.13 11.23 26.25
CA GLU A 164 -33.57 11.12 26.25
C GLU A 164 -34.14 11.96 25.09
N LEU A 165 -34.87 11.28 24.19
CA LEU A 165 -35.23 11.81 22.89
C LEU A 165 -36.75 11.99 22.78
N HIS A 166 -37.17 13.23 22.49
CA HIS A 166 -38.57 13.52 22.15
C HIS A 166 -38.69 14.06 20.72
N LEU A 167 -39.50 13.38 19.91
CA LEU A 167 -39.86 13.79 18.58
C LEU A 167 -41.26 14.44 18.58
N ILE A 168 -41.32 15.74 18.31
CA ILE A 168 -42.59 16.43 18.19
C ILE A 168 -42.84 16.70 16.72
N ASP A 169 -43.98 16.24 16.20
CA ASP A 169 -44.41 16.70 14.90
C ASP A 169 -45.36 17.89 15.11
N SER A 170 -44.86 19.10 14.86
CA SER A 170 -45.63 20.30 15.26
C SER A 170 -47.00 20.33 14.58
N THR A 171 -47.16 19.65 13.44
CA THR A 171 -48.45 19.66 12.76
C THR A 171 -49.43 18.74 13.47
N LYS A 172 -48.91 17.87 14.35
CA LYS A 172 -49.77 16.97 15.11
C LYS A 172 -50.14 17.63 16.43
N ASP A 173 -49.16 18.28 17.08
CA ASP A 173 -49.30 18.66 18.46
C ASP A 173 -49.36 20.17 18.59
N GLY A 174 -49.02 20.87 17.50
CA GLY A 174 -48.82 22.31 17.55
C GLY A 174 -47.40 22.61 17.99
N TYR A 175 -46.97 23.87 17.79
CA TYR A 175 -45.62 24.34 18.07
C TYR A 175 -45.19 23.83 19.46
N LEU A 176 -43.88 23.61 19.65
CA LEU A 176 -43.42 23.12 20.93
C LEU A 176 -43.72 24.18 21.98
N ASN A 177 -43.99 23.73 23.21
CA ASN A 177 -44.40 24.64 24.28
C ASN A 177 -43.73 24.21 25.58
N PHE A 178 -43.07 25.13 26.30
CA PHE A 178 -42.40 24.76 27.52
C PHE A 178 -43.04 25.34 28.77
N GLU A 179 -44.32 25.73 28.65
CA GLU A 179 -45.03 26.33 29.78
C GLU A 179 -45.13 25.31 30.89
N GLN A 180 -45.87 24.23 30.61
CA GLN A 180 -46.02 23.13 31.55
C GLN A 180 -44.94 22.08 31.29
N LYS A 181 -43.69 22.54 31.10
CA LYS A 181 -42.51 21.71 31.15
C LYS A 181 -41.52 22.29 32.16
N GLU A 182 -41.12 21.41 33.10
CA GLU A 182 -40.07 21.67 34.05
C GLU A 182 -38.73 21.37 33.40
N VAL A 183 -37.65 21.81 34.08
CA VAL A 183 -36.30 21.74 33.56
C VAL A 183 -35.38 21.33 34.71
N PRO A 184 -34.44 20.38 34.52
CA PRO A 184 -33.46 20.06 35.57
C PRO A 184 -32.85 21.33 36.15
N GLU A 185 -32.71 21.35 37.50
CA GLU A 185 -32.44 22.56 38.27
C GLU A 185 -31.11 23.19 37.84
N HIS A 186 -30.08 22.36 37.63
CA HIS A 186 -28.77 22.89 37.34
C HIS A 186 -28.42 22.66 35.87
N ALA A 187 -29.44 22.73 35.01
CA ALA A 187 -29.32 22.38 33.60
C ALA A 187 -28.92 23.60 32.77
N THR A 188 -28.22 23.37 31.66
CA THR A 188 -28.16 24.33 30.57
C THR A 188 -29.11 23.88 29.46
N VAL A 189 -29.96 24.82 29.01
CA VAL A 189 -30.76 24.64 27.81
C VAL A 189 -30.04 25.26 26.62
N TYR A 190 -29.91 24.47 25.54
CA TYR A 190 -29.47 24.95 24.24
C TYR A 190 -30.63 24.84 23.26
N MET A 191 -30.70 25.83 22.37
CA MET A 191 -31.78 25.90 21.42
C MET A 191 -31.21 26.32 20.07
N CYS A 192 -31.85 25.81 19.00
CA CYS A 192 -31.55 26.22 17.64
C CYS A 192 -32.75 25.90 16.74
N GLY A 193 -33.23 26.92 16.01
CA GLY A 193 -34.30 26.78 15.04
C GLY A 193 -34.66 28.13 14.39
N PRO A 194 -35.81 28.21 13.73
CA PRO A 194 -36.37 29.51 13.32
C PRO A 194 -36.25 30.51 14.48
N ILE A 195 -35.91 31.77 14.14
CA ILE A 195 -35.78 32.84 15.12
C ILE A 195 -37.10 33.02 15.86
N SER A 196 -38.22 32.87 15.14
CA SER A 196 -39.53 33.08 15.76
C SER A 196 -39.72 32.06 16.89
N MET A 197 -39.14 30.88 16.70
CA MET A 197 -39.41 29.79 17.62
C MET A 197 -38.51 29.99 18.84
N MET A 198 -37.30 30.49 18.61
CA MET A 198 -36.36 30.75 19.68
C MET A 198 -36.96 31.75 20.67
N LYS A 199 -37.40 32.90 20.13
CA LYS A 199 -37.83 34.03 20.93
C LYS A 199 -39.04 33.60 21.77
N ALA A 200 -39.97 32.86 21.16
CA ALA A 200 -41.15 32.37 21.85
C ALA A 200 -40.78 31.42 23.01
N LEU A 201 -39.82 30.53 22.75
CA LEU A 201 -39.43 29.53 23.73
C LEU A 201 -38.55 30.16 24.82
N ALA A 202 -37.60 31.02 24.46
CA ALA A 202 -36.91 31.86 25.44
C ALA A 202 -37.92 32.50 26.41
N LYS A 203 -38.91 33.24 25.90
CA LYS A 203 -39.92 33.83 26.77
C LYS A 203 -40.46 32.80 27.78
N GLN A 204 -40.92 31.64 27.29
CA GLN A 204 -41.58 30.62 28.09
C GLN A 204 -40.66 29.96 29.11
N ILE A 205 -39.36 30.02 28.87
CA ILE A 205 -38.43 29.23 29.65
C ILE A 205 -37.75 30.14 30.67
N LYS A 206 -37.75 31.45 30.39
CA LYS A 206 -37.18 32.42 31.32
C LYS A 206 -38.21 32.77 32.40
N LYS A 207 -39.51 32.58 32.07
CA LYS A 207 -40.62 32.87 32.98
C LYS A 207 -40.92 31.69 33.90
N GLN A 208 -41.10 30.49 33.34
CA GLN A 208 -41.34 29.30 34.15
C GLN A 208 -40.13 28.97 35.00
N ASN A 209 -38.94 28.93 34.39
CA ASN A 209 -37.72 28.44 35.03
C ASN A 209 -36.66 29.55 34.98
N PRO A 210 -36.87 30.71 35.66
CA PRO A 210 -36.15 31.95 35.36
C PRO A 210 -34.70 31.94 35.80
N LYS A 211 -34.31 30.80 36.36
CA LYS A 211 -33.03 30.58 37.02
C LYS A 211 -32.12 29.75 36.11
N THR A 212 -32.64 29.36 34.91
CA THR A 212 -31.95 28.47 33.98
C THR A 212 -31.00 29.26 33.08
N GLU A 213 -29.88 28.66 32.75
CA GLU A 213 -29.05 29.19 31.68
C GLU A 213 -29.66 28.78 30.35
N LEU A 214 -29.54 29.66 29.33
CA LEU A 214 -30.16 29.50 28.02
C LEU A 214 -29.30 30.14 26.95
N ILE A 215 -28.73 29.32 26.05
CA ILE A 215 -28.02 29.77 24.87
C ILE A 215 -28.81 29.36 23.63
N TYR A 216 -28.94 30.26 22.65
CA TYR A 216 -29.63 29.92 21.42
C TYR A 216 -28.98 30.56 20.19
N GLU A 217 -29.31 30.03 19.01
CA GLU A 217 -28.93 30.61 17.73
C GLU A 217 -30.12 30.48 16.78
N GLY A 218 -30.68 31.62 16.36
CA GLY A 218 -31.81 31.61 15.45
C GLY A 218 -31.37 31.76 14.00
N PHE A 219 -32.35 31.63 13.09
CA PHE A 219 -32.21 31.92 11.67
C PHE A 219 -33.61 31.97 11.07
N LYS A 220 -33.72 32.39 9.84
CA LYS A 220 -35.00 32.38 9.19
C LYS A 220 -34.91 31.34 8.11
N PHE A 221 -35.99 30.64 7.85
CA PHE A 221 -35.98 29.63 6.80
C PHE A 221 -36.17 30.31 5.46
N LYS B 3 13.56 2.70 30.49
CA LYS B 3 12.18 2.78 29.85
C LYS B 3 11.27 1.75 30.50
N ILE B 4 10.03 2.16 30.80
CA ILE B 4 9.02 1.26 31.36
C ILE B 4 7.75 1.39 30.53
N SER B 5 7.43 0.35 29.75
CA SER B 5 6.29 0.39 28.86
C SER B 5 5.77 -1.02 28.61
N PHE B 6 4.43 -1.15 28.62
CA PHE B 6 3.76 -2.41 28.41
C PHE B 6 3.24 -2.48 26.97
N PRO B 7 3.25 -3.68 26.32
CA PRO B 7 2.78 -3.81 24.94
C PRO B 7 1.27 -3.54 24.81
N TYR B 8 0.85 -3.28 23.56
CA TYR B 8 -0.56 -3.33 23.20
C TYR B 8 -1.00 -4.79 23.06
N LEU B 9 -2.23 -5.09 23.49
CA LEU B 9 -2.80 -6.43 23.45
C LEU B 9 -3.91 -6.44 22.43
N GLY B 10 -4.05 -7.56 21.69
CA GLY B 10 -5.05 -7.63 20.64
C GLY B 10 -5.29 -9.04 20.13
N LYS B 11 -6.14 -9.15 19.11
CA LYS B 11 -6.58 -10.41 18.53
C LYS B 11 -6.79 -10.19 17.05
N ILE B 12 -6.51 -11.24 16.28
CA ILE B 12 -6.66 -11.25 14.84
C ILE B 12 -8.16 -11.33 14.57
N THR B 13 -8.69 -10.40 13.77
CA THR B 13 -10.12 -10.41 13.48
C THR B 13 -10.41 -11.00 12.09
N HIS B 14 -9.56 -10.68 11.12
CA HIS B 14 -9.74 -11.16 9.77
C HIS B 14 -8.37 -11.42 9.14
N LEU B 15 -8.34 -12.44 8.29
CA LEU B 15 -7.20 -12.70 7.42
C LEU B 15 -7.73 -12.79 6.01
N LYS B 16 -6.98 -12.24 5.04
CA LYS B 16 -7.31 -12.51 3.65
C LYS B 16 -6.07 -12.67 2.79
N ARG B 17 -6.05 -13.79 2.06
CA ARG B 17 -4.95 -14.09 1.16
C ARG B 17 -5.14 -13.21 -0.07
N LEU B 18 -4.13 -12.40 -0.40
CA LEU B 18 -4.20 -11.41 -1.46
C LEU B 18 -3.69 -12.07 -2.75
N ASN B 19 -2.80 -13.05 -2.61
CA ASN B 19 -2.24 -13.78 -3.73
C ASN B 19 -1.63 -15.10 -3.22
N HIS B 20 -0.87 -15.78 -4.08
CA HIS B 20 -0.35 -17.11 -3.79
C HIS B 20 0.49 -17.08 -2.52
N ASP B 21 1.14 -15.96 -2.20
CA ASP B 21 2.06 -16.02 -1.08
C ASP B 21 1.93 -14.86 -0.11
N THR B 22 0.93 -13.97 -0.31
CA THR B 22 0.80 -12.77 0.52
C THR B 22 -0.57 -12.73 1.20
N ARG B 23 -0.55 -12.55 2.53
CA ARG B 23 -1.73 -12.59 3.38
C ARG B 23 -1.84 -11.30 4.20
N GLU B 24 -3.09 -10.80 4.31
CA GLU B 24 -3.37 -9.59 5.06
C GLU B 24 -3.93 -9.96 6.43
N ILE B 25 -3.40 -9.28 7.48
CA ILE B 25 -3.77 -9.59 8.86
C ILE B 25 -4.47 -8.38 9.46
N GLN B 26 -5.68 -8.62 9.95
CA GLN B 26 -6.42 -7.56 10.61
C GLN B 26 -6.48 -7.83 12.12
N ILE B 27 -6.01 -6.84 12.90
CA ILE B 27 -5.97 -6.96 14.34
C ILE B 27 -6.89 -5.91 15.00
N HIS B 28 -7.64 -6.35 16.03
CA HIS B 28 -8.35 -5.42 16.89
C HIS B 28 -7.59 -5.31 18.20
N LEU B 29 -7.20 -4.08 18.58
CA LEU B 29 -6.51 -3.88 19.85
C LEU B 29 -7.48 -3.40 20.92
N SER B 30 -7.15 -3.70 22.18
CA SER B 30 -7.94 -3.22 23.30
C SER B 30 -7.78 -1.71 23.47
N ARG B 31 -6.65 -1.16 23.02
CA ARG B 31 -6.38 0.27 23.09
C ARG B 31 -6.03 0.84 21.71
N PRO B 32 -6.40 2.11 21.41
CA PRO B 32 -5.95 2.77 20.17
C PRO B 32 -4.42 2.83 20.03
N PHE B 33 -3.96 2.46 18.84
CA PHE B 33 -2.55 2.40 18.52
C PHE B 33 -2.16 3.57 17.61
N ASN B 34 -0.98 4.13 17.87
CA ASN B 34 -0.57 5.32 17.14
C ASN B 34 0.68 5.00 16.32
N TYR B 35 0.57 5.29 15.01
CA TYR B 35 1.69 5.17 14.08
C TYR B 35 1.53 6.22 12.99
N GLN B 36 2.60 6.43 12.23
CA GLN B 36 2.47 7.09 10.93
C GLN B 36 2.73 6.11 9.79
N SER B 37 1.98 6.30 8.72
CA SER B 37 2.16 5.54 7.48
C SER B 37 3.64 5.52 7.12
N GLY B 38 4.17 4.34 6.87
CA GLY B 38 5.58 4.15 6.57
C GLY B 38 6.31 3.50 7.73
N GLN B 39 5.63 3.37 8.88
CA GLN B 39 6.32 2.80 10.02
C GLN B 39 6.01 1.31 10.14
N PHE B 40 6.79 0.62 10.98
CA PHE B 40 6.60 -0.80 11.18
C PHE B 40 6.42 -1.08 12.67
N ALA B 41 6.11 -2.33 13.00
CA ALA B 41 5.96 -2.70 14.40
C ALA B 41 6.46 -4.14 14.61
N PHE B 42 6.84 -4.49 15.84
CA PHE B 42 7.20 -5.86 16.18
C PHE B 42 5.96 -6.57 16.73
N LEU B 43 5.52 -7.62 16.04
CA LEU B 43 4.28 -8.31 16.37
C LEU B 43 4.66 -9.67 16.95
N LYS B 44 4.12 -10.00 18.12
CA LYS B 44 4.17 -11.38 18.61
C LYS B 44 2.81 -12.05 18.32
N ILE B 45 2.85 -13.31 17.87
CA ILE B 45 1.66 -14.11 17.61
C ILE B 45 1.58 -15.23 18.65
N PHE B 46 0.44 -15.31 19.34
CA PHE B 46 0.18 -16.39 20.30
C PHE B 46 -0.84 -17.35 19.70
N GLN B 47 -0.34 -18.48 19.18
CA GLN B 47 -1.17 -19.51 18.59
C GLN B 47 -0.32 -20.77 18.57
N GLU B 48 -0.99 -21.90 18.80
CA GLU B 48 -0.44 -23.24 18.70
C GLU B 48 0.44 -23.37 17.44
N GLY B 49 1.71 -23.77 17.63
CA GLY B 49 2.59 -24.10 16.54
C GLY B 49 3.16 -22.88 15.81
N PHE B 50 2.98 -21.67 16.34
CA PHE B 50 3.76 -20.52 15.87
C PHE B 50 4.76 -20.17 16.95
N GLU B 51 5.95 -19.72 16.53
CA GLU B 51 6.85 -19.09 17.48
C GLU B 51 6.20 -17.75 17.88
N SER B 52 6.37 -17.39 19.15
CA SER B 52 5.79 -16.19 19.70
C SER B 52 6.84 -15.09 19.65
N ALA B 53 8.03 -15.44 19.17
CA ALA B 53 9.10 -14.47 19.01
C ALA B 53 8.58 -13.23 18.28
N PRO B 54 9.04 -12.04 18.70
CA PRO B 54 8.76 -10.81 17.96
C PRO B 54 9.34 -10.80 16.54
N HIS B 55 8.54 -10.29 15.57
CA HIS B 55 8.95 -10.07 14.19
C HIS B 55 8.46 -8.71 13.71
N PRO B 56 9.30 -7.95 12.97
CA PRO B 56 8.88 -6.63 12.44
C PRO B 56 8.11 -6.77 11.13
N PHE B 57 7.02 -6.01 10.98
CA PHE B 57 6.33 -5.89 9.71
C PHE B 57 5.90 -4.44 9.49
N SER B 58 5.89 -4.00 8.23
CA SER B 58 5.27 -2.74 7.84
C SER B 58 3.80 -2.75 8.17
N ILE B 59 3.35 -1.60 8.68
CA ILE B 59 1.95 -1.40 8.98
C ILE B 59 1.23 -1.08 7.68
N SER B 60 0.16 -1.77 7.37
CA SER B 60 -0.38 -1.58 6.03
C SER B 60 -1.78 -0.98 6.12
N GLY B 61 -2.13 -0.47 7.30
CA GLY B 61 -3.33 0.35 7.42
C GLY B 61 -3.90 0.34 8.84
N GLY B 62 -5.08 0.95 8.96
CA GLY B 62 -5.85 0.92 10.18
C GLY B 62 -5.69 2.22 10.94
N HIS B 63 -6.70 2.57 11.76
CA HIS B 63 -6.69 3.70 12.67
C HIS B 63 -7.37 3.31 13.97
N GLY B 64 -6.99 3.99 15.05
CA GLY B 64 -7.61 3.69 16.32
C GLY B 64 -7.27 2.29 16.77
N GLN B 65 -8.29 1.40 16.79
CA GLN B 65 -8.12 0.10 17.41
C GLN B 65 -7.96 -1.01 16.36
N THR B 66 -7.98 -0.61 15.08
CA THR B 66 -7.79 -1.52 13.96
C THR B 66 -6.41 -1.27 13.38
N LEU B 67 -5.72 -2.39 13.13
CA LEU B 67 -4.38 -2.37 12.57
C LEU B 67 -4.31 -3.46 11.53
N TYR B 68 -3.58 -3.19 10.45
CA TYR B 68 -3.40 -4.16 9.39
C TYR B 68 -1.91 -4.46 9.22
N PHE B 69 -1.56 -5.74 8.98
CA PHE B 69 -0.25 -6.05 8.40
C PHE B 69 -0.42 -6.86 7.12
N THR B 70 0.52 -6.74 6.18
CA THR B 70 0.48 -7.53 4.95
C THR B 70 1.78 -8.30 4.83
N VAL B 71 1.71 -9.65 4.78
CA VAL B 71 2.90 -10.48 4.98
C VAL B 71 3.10 -11.47 3.83
N LYS B 72 4.25 -11.29 3.16
CA LYS B 72 4.73 -12.16 2.10
C LYS B 72 5.63 -13.24 2.70
N THR B 73 5.35 -14.49 2.31
CA THR B 73 6.15 -15.67 2.63
C THR B 73 7.62 -15.43 2.28
N SER B 74 8.51 -15.56 3.28
CA SER B 74 9.95 -15.34 3.14
C SER B 74 10.79 -16.36 3.94
N GLY B 75 10.19 -17.41 4.52
CA GLY B 75 10.82 -18.13 5.63
C GLY B 75 9.75 -18.93 6.39
N ASP B 76 10.15 -19.68 7.42
CA ASP B 76 9.24 -20.65 8.01
C ASP B 76 8.13 -19.97 8.79
N HIS B 77 8.46 -18.86 9.46
CA HIS B 77 7.51 -18.10 10.25
C HIS B 77 6.42 -17.45 9.37
N THR B 78 6.86 -16.73 8.32
CA THR B 78 5.97 -15.99 7.44
C THR B 78 5.20 -16.98 6.58
N LYS B 79 5.79 -18.17 6.39
CA LYS B 79 5.15 -19.28 5.70
C LYS B 79 4.02 -19.82 6.59
N ASN B 80 4.36 -20.03 7.85
CA ASN B 80 3.38 -20.41 8.85
C ASN B 80 2.21 -19.43 8.81
N ILE B 81 2.54 -18.13 8.81
CA ILE B 81 1.52 -17.08 8.80
C ILE B 81 0.58 -17.30 7.62
N TYR B 82 1.12 -17.43 6.41
CA TYR B 82 0.27 -17.57 5.24
C TYR B 82 -0.61 -18.82 5.35
N ASP B 83 -0.09 -19.88 5.97
CA ASP B 83 -0.73 -21.18 5.87
C ASP B 83 -1.73 -21.38 7.00
N ASN B 84 -1.40 -20.93 8.22
CA ASN B 84 -1.96 -21.53 9.44
C ASN B 84 -2.54 -20.53 10.44
N LEU B 85 -2.27 -19.23 10.22
CA LEU B 85 -2.72 -18.19 11.14
C LEU B 85 -4.23 -18.22 11.21
N GLN B 86 -4.82 -18.13 12.43
CA GLN B 86 -6.27 -18.24 12.58
C GLN B 86 -6.88 -16.99 13.23
N ALA B 87 -8.01 -16.52 12.70
CA ALA B 87 -8.81 -15.49 13.37
C ALA B 87 -9.10 -15.96 14.79
N GLY B 88 -9.05 -15.03 15.75
CA GLY B 88 -9.21 -15.41 17.15
C GLY B 88 -7.91 -15.38 17.95
N SER B 89 -6.77 -15.65 17.30
CA SER B 89 -5.50 -15.78 18.00
C SER B 89 -5.09 -14.44 18.56
N LYS B 90 -4.46 -14.45 19.75
CA LYS B 90 -4.02 -13.24 20.43
C LYS B 90 -2.70 -12.78 19.85
N VAL B 91 -2.39 -11.48 20.01
CA VAL B 91 -1.13 -10.92 19.55
C VAL B 91 -0.72 -9.83 20.53
N THR B 92 0.56 -9.48 20.54
CA THR B 92 0.96 -8.26 21.21
C THR B 92 1.87 -7.50 20.26
N LEU B 93 1.94 -6.18 20.44
CA LEU B 93 2.74 -5.28 19.65
C LEU B 93 3.53 -4.32 20.48
N ASP B 94 4.75 -4.02 20.05
CA ASP B 94 5.56 -3.06 20.79
C ASP B 94 5.23 -1.58 20.65
N ARG B 95 5.61 -1.01 19.50
CA ARG B 95 5.38 0.40 19.18
C ARG B 95 5.63 0.68 17.71
N ALA B 96 5.22 1.85 17.25
CA ALA B 96 5.44 2.25 15.86
C ALA B 96 6.87 2.76 15.64
N TYR B 97 7.73 1.90 15.03
CA TYR B 97 9.11 2.30 14.78
C TYR B 97 9.28 2.68 13.31
N GLY B 98 10.50 3.17 12.99
CA GLY B 98 10.92 3.49 11.62
C GLY B 98 10.83 4.98 11.29
N HIS B 99 11.82 5.49 10.56
CA HIS B 99 11.92 6.92 10.31
C HIS B 99 11.42 7.31 8.91
N MET B 100 10.91 6.33 8.16
CA MET B 100 10.30 6.71 6.91
C MET B 100 8.85 7.11 7.16
N ILE B 101 8.61 8.42 7.21
CA ILE B 101 7.31 8.98 7.52
C ILE B 101 6.79 9.77 6.31
N ILE B 102 5.93 9.13 5.51
CA ILE B 102 5.42 9.65 4.26
C ILE B 102 4.80 11.03 4.46
N GLU B 103 4.28 11.28 5.67
CA GLU B 103 3.51 12.46 6.00
C GLU B 103 4.41 13.69 6.00
N GLU B 104 5.61 13.56 6.58
CA GLU B 104 6.46 14.70 6.92
C GLU B 104 7.24 15.20 5.71
N GLY B 105 7.18 14.50 4.58
CA GLY B 105 7.88 14.95 3.38
C GLY B 105 7.22 16.19 2.77
N ARG B 106 7.78 16.68 1.66
CA ARG B 106 7.30 17.79 0.85
C ARG B 106 5.91 17.49 0.27
N GLU B 107 5.37 18.48 -0.46
CA GLU B 107 4.07 18.42 -1.11
C GLU B 107 4.20 17.69 -2.45
N ASN B 108 5.38 17.77 -3.07
CA ASN B 108 5.61 16.99 -4.30
C ASN B 108 6.41 15.72 -3.97
N GLN B 109 6.02 14.58 -4.56
CA GLN B 109 6.47 13.26 -4.09
C GLN B 109 6.50 12.23 -5.21
N VAL B 110 7.53 11.36 -5.14
CA VAL B 110 7.49 10.14 -5.92
C VAL B 110 7.50 8.99 -4.92
N TRP B 111 6.69 7.99 -5.16
CA TRP B 111 6.67 6.80 -4.34
C TRP B 111 7.04 5.64 -5.22
N ILE B 112 8.06 4.90 -4.81
CA ILE B 112 8.51 3.70 -5.51
C ILE B 112 8.38 2.49 -4.58
N ALA B 113 7.68 1.48 -5.09
CA ALA B 113 7.41 0.27 -4.33
C ALA B 113 7.86 -0.90 -5.20
N GLY B 114 8.54 -1.88 -4.58
CA GLY B 114 8.81 -3.17 -5.20
C GLY B 114 8.22 -4.34 -4.42
N GLY B 115 7.33 -5.12 -5.06
CA GLY B 115 6.72 -6.26 -4.40
C GLY B 115 6.06 -5.85 -3.09
N ILE B 116 6.33 -6.61 -2.04
CA ILE B 116 5.76 -6.38 -0.72
C ILE B 116 6.18 -4.98 -0.20
N GLY B 117 7.13 -4.33 -0.85
CA GLY B 117 7.55 -3.01 -0.40
C GLY B 117 6.43 -1.98 -0.49
N ILE B 118 5.25 -2.44 -0.91
CA ILE B 118 4.08 -1.62 -1.21
C ILE B 118 3.32 -1.29 0.06
N THR B 119 3.49 -2.13 1.10
CA THR B 119 2.65 -2.12 2.29
C THR B 119 2.57 -0.74 2.94
N PRO B 120 3.69 -0.01 3.19
CA PRO B 120 3.60 1.29 3.86
C PRO B 120 2.81 2.28 3.00
N PHE B 121 2.89 2.11 1.68
CA PHE B 121 2.18 3.05 0.84
C PHE B 121 0.70 2.79 1.00
N ILE B 122 0.33 1.50 1.14
CA ILE B 122 -1.08 1.19 1.29
C ILE B 122 -1.58 1.86 2.56
N SER B 123 -0.83 1.74 3.68
CA SER B 123 -1.25 2.35 4.92
C SER B 123 -1.62 3.81 4.68
N TYR B 124 -0.74 4.55 3.98
CA TYR B 124 -1.04 5.94 3.72
C TYR B 124 -2.31 6.10 2.91
N ILE B 125 -2.42 5.31 1.82
CA ILE B 125 -3.53 5.39 0.91
C ILE B 125 -4.83 5.05 1.64
N ARG B 126 -4.75 4.07 2.54
CA ARG B 126 -5.92 3.55 3.23
C ARG B 126 -6.39 4.60 4.23
N GLU B 127 -5.42 5.30 4.82
CA GLU B 127 -5.71 6.21 5.92
C GLU B 127 -5.90 7.63 5.40
N HIS B 128 -5.76 7.86 4.09
CA HIS B 128 -6.02 9.19 3.56
C HIS B 128 -6.87 9.04 2.30
N PRO B 129 -8.18 8.73 2.41
CA PRO B 129 -9.00 8.40 1.25
C PRO B 129 -8.88 9.46 0.16
N ILE B 130 -8.78 10.74 0.58
CA ILE B 130 -8.48 11.80 -0.35
C ILE B 130 -7.05 12.27 -0.11
N LEU B 131 -6.26 12.34 -1.18
CA LEU B 131 -4.84 12.66 -1.12
C LEU B 131 -4.66 14.15 -1.30
N ASP B 132 -3.75 14.73 -0.49
CA ASP B 132 -3.52 16.18 -0.52
C ASP B 132 -2.33 16.55 -1.41
N LYS B 133 -1.35 15.65 -1.52
CA LYS B 133 -0.07 15.95 -2.15
C LYS B 133 -0.07 15.60 -3.64
N GLN B 134 1.05 15.89 -4.32
CA GLN B 134 1.25 15.46 -5.69
C GLN B 134 2.15 14.22 -5.71
N VAL B 135 1.56 13.07 -6.02
CA VAL B 135 2.27 11.80 -5.91
C VAL B 135 2.35 11.10 -7.28
N HIS B 136 3.59 10.88 -7.75
CA HIS B 136 3.83 9.91 -8.81
C HIS B 136 4.19 8.57 -8.18
N PHE B 137 3.40 7.55 -8.48
CA PHE B 137 3.52 6.29 -7.78
C PHE B 137 3.87 5.17 -8.75
N TYR B 138 5.03 4.54 -8.46
CA TYR B 138 5.59 3.46 -9.26
C TYR B 138 5.54 2.14 -8.49
N TYR B 139 4.65 1.24 -8.95
CA TYR B 139 4.55 -0.08 -8.34
C TYR B 139 5.02 -1.19 -9.28
N SER B 140 6.17 -1.78 -8.94
CA SER B 140 6.80 -2.80 -9.76
C SER B 140 6.63 -4.16 -9.10
N PHE B 141 6.13 -5.12 -9.87
CA PHE B 141 5.86 -6.46 -9.33
C PHE B 141 6.21 -7.52 -10.38
N ARG B 142 6.49 -8.75 -9.95
CA ARG B 142 7.07 -9.75 -10.83
C ARG B 142 5.97 -10.62 -11.41
N GLY B 143 5.26 -10.03 -12.39
CA GLY B 143 4.10 -10.70 -12.97
C GLY B 143 2.83 -10.63 -12.10
N ASP B 144 1.69 -10.75 -12.78
CA ASP B 144 0.35 -10.53 -12.26
C ASP B 144 0.13 -11.34 -10.99
N GLU B 145 0.87 -12.45 -10.82
CA GLU B 145 0.57 -13.35 -9.73
C GLU B 145 1.28 -12.85 -8.48
N ASN B 146 2.03 -11.74 -8.62
CA ASN B 146 2.84 -11.26 -7.52
C ASN B 146 2.31 -9.90 -7.09
N ALA B 147 1.31 -9.43 -7.85
CA ALA B 147 0.62 -8.16 -7.58
C ALA B 147 -0.35 -8.34 -6.42
N VAL B 148 -0.44 -7.31 -5.56
CA VAL B 148 -1.46 -7.21 -4.52
C VAL B 148 -2.10 -5.84 -4.65
N TYR B 149 -3.40 -5.72 -4.27
CA TYR B 149 -4.06 -4.44 -4.01
C TYR B 149 -4.21 -3.58 -5.26
N LEU B 150 -4.50 -4.22 -6.40
CA LEU B 150 -4.57 -3.46 -7.64
C LEU B 150 -5.90 -2.69 -7.69
N ASP B 151 -7.01 -3.33 -7.28
CA ASP B 151 -8.30 -2.66 -7.18
C ASP B 151 -8.13 -1.34 -6.43
N LEU B 152 -7.63 -1.46 -5.20
CA LEU B 152 -7.28 -0.34 -4.33
C LEU B 152 -6.55 0.78 -5.06
N LEU B 153 -5.48 0.45 -5.81
CA LEU B 153 -4.64 1.51 -6.33
C LEU B 153 -5.36 2.22 -7.49
N ARG B 154 -6.02 1.40 -8.32
CA ARG B 154 -6.81 1.83 -9.45
C ARG B 154 -7.95 2.75 -9.01
N ASN B 155 -8.68 2.33 -7.96
CA ASN B 155 -9.75 3.15 -7.37
C ASN B 155 -9.19 4.44 -6.80
N TYR B 156 -8.06 4.34 -6.10
CA TYR B 156 -7.53 5.53 -5.45
C TYR B 156 -7.05 6.50 -6.52
N ALA B 157 -6.89 5.97 -7.73
CA ALA B 157 -6.39 6.75 -8.86
C ALA B 157 -7.56 7.45 -9.57
N GLN B 158 -8.77 6.88 -9.46
CA GLN B 158 -9.98 7.44 -10.04
C GLN B 158 -10.50 8.58 -9.14
N LYS B 159 -10.26 8.45 -7.83
CA LYS B 159 -10.76 9.39 -6.85
C LYS B 159 -9.84 10.60 -6.74
N ASN B 160 -8.57 10.46 -7.15
CA ASN B 160 -7.55 11.44 -6.81
C ASN B 160 -6.76 11.75 -8.08
N PRO B 161 -7.24 12.70 -8.90
CA PRO B 161 -6.53 13.15 -10.10
C PRO B 161 -5.02 13.28 -9.88
N ASN B 162 -4.64 13.77 -8.69
CA ASN B 162 -3.26 14.10 -8.33
C ASN B 162 -2.43 12.88 -7.90
N PHE B 163 -3.00 11.67 -7.99
CA PHE B 163 -2.28 10.42 -7.76
C PHE B 163 -2.07 9.75 -9.11
N GLU B 164 -0.85 9.90 -9.63
CA GLU B 164 -0.49 9.32 -10.90
C GLU B 164 0.09 7.92 -10.69
N LEU B 165 -0.67 6.91 -11.11
CA LEU B 165 -0.37 5.50 -10.93
C LEU B 165 0.46 4.97 -12.10
N HIS B 166 1.52 4.22 -11.78
CA HIS B 166 2.28 3.46 -12.78
C HIS B 166 2.40 2.00 -12.35
N LEU B 167 1.63 1.13 -13.00
CA LEU B 167 1.76 -0.28 -12.74
C LEU B 167 2.80 -0.88 -13.70
N ILE B 168 3.79 -1.59 -13.15
CA ILE B 168 4.89 -2.14 -13.93
C ILE B 168 5.06 -3.60 -13.58
N ASP B 169 4.58 -4.46 -14.48
CA ASP B 169 4.85 -5.89 -14.48
C ASP B 169 6.29 -6.07 -14.96
N SER B 170 7.18 -6.49 -14.05
CA SER B 170 8.58 -6.44 -14.41
C SER B 170 8.87 -7.57 -15.38
N THR B 171 8.01 -8.60 -15.38
CA THR B 171 8.29 -9.75 -16.22
C THR B 171 8.01 -9.42 -17.69
N LYS B 172 7.40 -8.24 -17.95
CA LYS B 172 7.00 -7.80 -19.27
C LYS B 172 7.83 -6.62 -19.75
N ASP B 173 8.08 -5.67 -18.84
CA ASP B 173 8.69 -4.38 -19.16
C ASP B 173 10.10 -4.27 -18.60
N GLY B 174 10.47 -5.25 -17.74
CA GLY B 174 11.74 -5.32 -17.03
C GLY B 174 11.74 -4.52 -15.73
N TYR B 175 12.85 -4.53 -14.98
CA TYR B 175 12.98 -3.82 -13.71
C TYR B 175 12.81 -2.33 -13.95
N LEU B 176 12.34 -1.61 -12.93
CA LEU B 176 12.06 -0.19 -13.07
C LEU B 176 13.35 0.61 -13.18
N ASN B 177 13.36 1.56 -14.12
CA ASN B 177 14.55 2.35 -14.43
C ASN B 177 14.10 3.80 -14.48
N PHE B 178 14.88 4.65 -13.80
CA PHE B 178 14.62 6.08 -13.73
C PHE B 178 15.71 6.88 -14.44
N GLU B 179 16.55 6.20 -15.22
CA GLU B 179 17.57 6.87 -16.01
C GLU B 179 16.90 7.88 -16.95
N GLN B 180 15.76 7.46 -17.54
CA GLN B 180 14.99 8.28 -18.45
C GLN B 180 13.52 8.27 -18.03
N LYS B 181 13.27 8.81 -16.83
CA LYS B 181 11.92 9.10 -16.33
C LYS B 181 11.96 10.44 -15.61
N GLU B 182 10.90 11.23 -15.84
CA GLU B 182 10.82 12.58 -15.30
C GLU B 182 10.63 12.49 -13.78
N VAL B 183 11.64 12.94 -13.03
CA VAL B 183 11.54 12.98 -11.58
C VAL B 183 11.23 14.41 -11.19
N PRO B 184 9.97 14.72 -10.75
CA PRO B 184 9.61 16.08 -10.33
C PRO B 184 10.74 16.76 -9.55
N GLU B 185 10.89 18.08 -9.82
CA GLU B 185 12.09 18.85 -9.51
C GLU B 185 12.30 18.90 -8.00
N HIS B 186 11.39 19.59 -7.28
CA HIS B 186 11.48 19.75 -5.84
C HIS B 186 10.62 18.69 -5.16
N ALA B 187 11.16 17.48 -5.10
CA ALA B 187 10.38 16.33 -4.64
C ALA B 187 11.06 15.64 -3.48
N THR B 188 10.22 15.00 -2.65
CA THR B 188 10.68 13.94 -1.75
C THR B 188 10.35 12.60 -2.36
N VAL B 189 11.36 11.75 -2.48
CA VAL B 189 11.20 10.40 -3.02
C VAL B 189 11.26 9.41 -1.85
N TYR B 190 10.19 8.60 -1.76
CA TYR B 190 10.07 7.51 -0.81
C TYR B 190 10.10 6.21 -1.59
N MET B 191 10.89 5.26 -1.10
CA MET B 191 11.00 3.98 -1.71
C MET B 191 11.00 2.87 -0.71
N CYS B 192 10.33 1.79 -1.03
CA CYS B 192 10.39 0.59 -0.23
C CYS B 192 10.36 -0.60 -1.18
N GLY B 193 11.36 -1.48 -1.06
CA GLY B 193 11.41 -2.69 -1.87
C GLY B 193 12.71 -3.46 -1.68
N PRO B 194 13.00 -4.49 -2.49
CA PRO B 194 14.20 -5.31 -2.29
C PRO B 194 15.46 -4.43 -2.36
N ILE B 195 16.47 -4.75 -1.54
CA ILE B 195 17.62 -3.86 -1.39
C ILE B 195 18.34 -3.62 -2.73
N SER B 196 18.50 -4.67 -3.55
CA SER B 196 19.08 -4.50 -4.88
C SER B 196 18.41 -3.37 -5.67
N MET B 197 17.06 -3.33 -5.64
CA MET B 197 16.24 -2.33 -6.34
C MET B 197 16.54 -0.94 -5.78
N MET B 198 16.42 -0.81 -4.46
CA MET B 198 16.79 0.39 -3.72
C MET B 198 18.14 0.97 -4.16
N LYS B 199 19.18 0.14 -4.27
CA LYS B 199 20.53 0.65 -4.44
C LYS B 199 20.71 1.15 -5.86
N ALA B 200 20.13 0.40 -6.82
CA ALA B 200 20.08 0.77 -8.22
C ALA B 200 19.47 2.18 -8.38
N LEU B 201 18.21 2.33 -7.91
CA LEU B 201 17.41 3.55 -8.05
C LEU B 201 17.96 4.71 -7.24
N ALA B 202 18.49 4.45 -6.04
CA ALA B 202 19.16 5.49 -5.27
C ALA B 202 20.25 6.15 -6.13
N LYS B 203 21.27 5.36 -6.54
CA LYS B 203 22.25 5.79 -7.52
C LYS B 203 21.59 6.66 -8.59
N GLN B 204 20.72 6.05 -9.43
CA GLN B 204 20.17 6.70 -10.62
C GLN B 204 19.44 8.01 -10.30
N ILE B 205 18.90 8.17 -9.08
CA ILE B 205 18.16 9.36 -8.73
C ILE B 205 19.11 10.46 -8.24
N LYS B 206 20.02 10.11 -7.33
CA LYS B 206 21.00 11.05 -6.80
C LYS B 206 21.92 11.57 -7.90
N LYS B 207 21.85 10.98 -9.11
CA LYS B 207 22.58 11.52 -10.25
C LYS B 207 21.78 12.67 -10.85
N GLN B 208 20.58 12.35 -11.36
CA GLN B 208 19.73 13.25 -12.11
C GLN B 208 19.21 14.40 -11.25
N ASN B 209 19.32 14.29 -9.91
CA ASN B 209 18.70 15.24 -8.98
C ASN B 209 19.39 15.17 -7.62
N PRO B 210 20.65 15.64 -7.49
CA PRO B 210 21.36 15.52 -6.21
C PRO B 210 20.72 16.33 -5.08
N LYS B 211 19.69 17.10 -5.41
CA LYS B 211 19.02 17.93 -4.41
C LYS B 211 17.86 17.18 -3.76
N THR B 212 17.13 16.39 -4.56
CA THR B 212 16.04 15.52 -4.17
C THR B 212 16.29 14.88 -2.79
N GLU B 213 15.26 14.96 -1.94
CA GLU B 213 15.20 14.18 -0.70
C GLU B 213 14.88 12.72 -1.03
N LEU B 214 15.65 11.79 -0.48
CA LEU B 214 15.50 10.38 -0.81
C LEU B 214 15.52 9.54 0.46
N ILE B 215 14.41 8.86 0.74
CA ILE B 215 14.28 8.08 1.96
C ILE B 215 13.73 6.70 1.60
N TYR B 216 14.37 5.67 2.14
CA TYR B 216 13.95 4.35 1.71
C TYR B 216 14.23 3.28 2.76
N GLU B 217 13.33 2.29 2.81
CA GLU B 217 13.50 1.03 3.53
C GLU B 217 13.62 -0.12 2.51
N GLY B 218 14.81 -0.73 2.44
CA GLY B 218 15.01 -1.95 1.66
C GLY B 218 14.97 -3.20 2.53
N PHE B 219 14.76 -4.36 1.90
CA PHE B 219 14.74 -5.66 2.55
C PHE B 219 15.33 -6.74 1.64
N LYS B 220 15.53 -7.95 2.19
CA LYS B 220 16.13 -9.08 1.50
CA LYS B 220 16.13 -9.07 1.48
C LYS B 220 15.07 -9.98 0.89
N PHE B 221 15.05 -10.08 -0.47
CA PHE B 221 14.22 -10.99 -1.27
C PHE B 221 14.90 -11.25 -2.63
N PHE C 6 12.72 -41.51 -29.18
CA PHE C 6 12.27 -41.57 -27.80
C PHE C 6 13.16 -40.71 -26.93
N PRO C 7 12.87 -40.65 -25.64
CA PRO C 7 13.70 -39.80 -24.82
C PRO C 7 14.80 -40.54 -24.14
N TYR C 8 15.67 -39.76 -23.53
CA TYR C 8 16.80 -40.28 -22.81
C TYR C 8 16.37 -40.68 -21.44
N LEU C 9 17.23 -41.41 -20.78
CA LEU C 9 16.93 -41.95 -19.47
C LEU C 9 18.26 -41.96 -18.71
N GLY C 10 18.26 -41.59 -17.43
CA GLY C 10 19.49 -41.66 -16.67
C GLY C 10 19.26 -41.65 -15.18
N LYS C 11 20.34 -41.78 -14.38
CA LYS C 11 20.29 -41.82 -12.93
C LYS C 11 21.16 -40.73 -12.34
N ILE C 12 20.69 -40.19 -11.19
CA ILE C 12 21.47 -39.19 -10.48
C ILE C 12 22.61 -39.91 -9.77
N THR C 13 23.84 -39.65 -10.24
CA THR C 13 25.00 -40.25 -9.59
C THR C 13 25.46 -39.40 -8.42
N HIS C 14 25.35 -38.06 -8.50
CA HIS C 14 25.81 -37.20 -7.41
CA HIS C 14 25.84 -37.20 -7.43
C HIS C 14 24.96 -35.95 -7.25
N LEU C 15 24.99 -35.39 -6.03
CA LEU C 15 24.35 -34.14 -5.64
C LEU C 15 25.42 -33.25 -5.04
N LYS C 16 25.20 -31.92 -5.04
CA LYS C 16 26.13 -31.01 -4.40
C LYS C 16 25.43 -29.68 -4.11
N ARG C 17 25.49 -29.24 -2.86
CA ARG C 17 24.95 -27.95 -2.49
C ARG C 17 26.00 -26.90 -2.78
N LEU C 18 25.77 -26.14 -3.85
CA LEU C 18 26.67 -25.05 -4.20
C LEU C 18 26.46 -23.92 -3.20
N ASN C 19 25.23 -23.82 -2.66
CA ASN C 19 24.90 -22.90 -1.59
C ASN C 19 23.53 -23.31 -1.04
N HIS C 20 22.91 -22.40 -0.25
CA HIS C 20 21.73 -22.69 0.53
C HIS C 20 20.53 -23.16 -0.31
N ASP C 21 20.43 -22.78 -1.59
CA ASP C 21 19.19 -23.11 -2.30
C ASP C 21 19.48 -23.71 -3.66
N THR C 22 20.77 -24.01 -3.92
CA THR C 22 21.19 -24.44 -5.24
C THR C 22 21.96 -25.74 -5.13
N ARG C 23 21.56 -26.70 -5.97
CA ARG C 23 22.19 -28.01 -6.03
C ARG C 23 22.65 -28.30 -7.45
N GLU C 24 23.73 -29.09 -7.55
CA GLU C 24 24.19 -29.55 -8.84
C GLU C 24 23.96 -31.05 -8.95
N ILE C 25 23.40 -31.46 -10.07
CA ILE C 25 22.94 -32.80 -10.29
C ILE C 25 23.79 -33.41 -11.40
N GLN C 26 24.80 -34.20 -11.00
CA GLN C 26 25.44 -35.09 -11.96
C GLN C 26 24.46 -36.21 -12.29
N ILE C 27 24.16 -36.39 -13.59
CA ILE C 27 23.28 -37.45 -14.08
C ILE C 27 24.09 -38.36 -14.99
N HIS C 28 23.92 -39.68 -14.85
CA HIS C 28 24.40 -40.57 -15.88
C HIS C 28 23.27 -40.98 -16.84
N LEU C 29 23.57 -40.97 -18.13
CA LEU C 29 22.65 -41.29 -19.22
C LEU C 29 23.00 -42.65 -19.86
N SER C 30 22.00 -43.18 -20.57
CA SER C 30 22.07 -44.45 -21.27
C SER C 30 22.86 -44.26 -22.56
N ARG C 31 22.28 -43.49 -23.48
CA ARG C 31 23.01 -43.07 -24.66
C ARG C 31 23.84 -41.83 -24.31
N PRO C 32 24.81 -41.43 -25.16
CA PRO C 32 25.36 -40.07 -25.11
C PRO C 32 24.33 -39.06 -25.64
N PHE C 33 24.45 -37.83 -25.15
CA PHE C 33 23.46 -36.78 -25.31
C PHE C 33 24.06 -35.58 -26.06
N ASN C 34 23.50 -35.25 -27.23
CA ASN C 34 24.01 -34.08 -27.94
C ASN C 34 23.37 -32.80 -27.39
N TYR C 35 24.23 -31.82 -27.06
CA TYR C 35 23.81 -30.44 -26.82
C TYR C 35 24.92 -29.46 -27.10
N GLN C 36 24.57 -28.17 -27.02
CA GLN C 36 25.57 -27.10 -27.06
C GLN C 36 25.38 -26.18 -25.85
N SER C 37 26.50 -25.72 -25.31
CA SER C 37 26.49 -24.86 -24.14
C SER C 37 25.61 -23.64 -24.41
N GLY C 38 24.67 -23.39 -23.50
CA GLY C 38 23.66 -22.36 -23.69
C GLY C 38 22.26 -22.97 -23.78
N GLN C 39 22.20 -24.27 -24.07
CA GLN C 39 20.92 -24.94 -24.25
C GLN C 39 20.38 -25.47 -22.92
N PHE C 40 19.08 -25.82 -22.94
CA PHE C 40 18.43 -26.41 -21.80
C PHE C 40 17.66 -27.65 -22.25
N ALA C 41 17.27 -28.47 -21.26
CA ALA C 41 16.51 -29.66 -21.52
C ALA C 41 15.30 -29.75 -20.57
N PHE C 42 14.20 -30.34 -21.02
CA PHE C 42 13.10 -30.65 -20.12
C PHE C 42 13.41 -31.97 -19.43
N LEU C 43 13.22 -32.07 -18.17
CA LEU C 43 13.69 -33.17 -17.36
C LEU C 43 12.54 -33.64 -16.44
N LYS C 44 12.28 -34.94 -16.40
CA LYS C 44 11.24 -35.46 -15.55
C LYS C 44 11.90 -36.33 -14.53
N ILE C 45 11.47 -36.22 -13.30
CA ILE C 45 12.06 -36.97 -12.21
C ILE C 45 11.14 -38.10 -11.74
N PHE C 46 11.74 -39.24 -11.38
CA PHE C 46 11.04 -40.42 -10.89
C PHE C 46 11.65 -40.87 -9.56
N GLN C 47 10.91 -40.65 -8.49
CA GLN C 47 11.39 -41.02 -7.17
C GLN C 47 10.21 -41.41 -6.28
N GLU C 48 10.22 -42.67 -5.83
CA GLU C 48 9.32 -43.23 -4.82
C GLU C 48 7.84 -43.09 -5.21
N GLY C 49 7.56 -42.67 -6.46
CA GLY C 49 6.22 -42.37 -6.92
C GLY C 49 6.04 -40.87 -7.18
N SER C 52 7.48 -35.05 -10.48
CA SER C 52 7.12 -36.02 -11.54
C SER C 52 6.69 -35.30 -12.82
N ALA C 53 6.76 -33.95 -12.78
CA ALA C 53 6.34 -33.08 -13.88
C ALA C 53 7.55 -32.62 -14.69
N PRO C 54 7.46 -32.52 -16.04
CA PRO C 54 8.58 -32.04 -16.86
C PRO C 54 8.93 -30.58 -16.51
N HIS C 55 10.23 -30.32 -16.35
CA HIS C 55 10.73 -29.01 -16.02
C HIS C 55 12.00 -28.71 -16.81
N PRO C 56 12.13 -27.48 -17.39
CA PRO C 56 13.35 -27.09 -18.09
C PRO C 56 14.45 -26.64 -17.12
N PHE C 57 15.69 -27.11 -17.36
CA PHE C 57 16.88 -26.58 -16.72
C PHE C 57 18.00 -26.50 -17.74
N SER C 58 18.68 -25.34 -17.75
CA SER C 58 19.93 -25.18 -18.47
C SER C 58 20.86 -26.31 -18.08
N ILE C 59 21.45 -26.94 -19.10
CA ILE C 59 22.58 -27.84 -18.88
C ILE C 59 23.77 -27.02 -18.39
N SER C 60 24.38 -27.44 -17.28
CA SER C 60 25.47 -26.70 -16.68
C SER C 60 26.82 -27.40 -16.89
N GLY C 61 26.85 -28.47 -17.69
CA GLY C 61 28.12 -29.09 -18.06
C GLY C 61 28.00 -30.55 -18.48
N GLY C 62 29.15 -31.18 -18.73
CA GLY C 62 29.23 -32.57 -19.14
C GLY C 62 29.23 -32.74 -20.66
N HIS C 63 29.56 -33.98 -21.10
CA HIS C 63 29.45 -34.42 -22.48
C HIS C 63 29.21 -35.93 -22.44
N GLY C 64 28.67 -36.49 -23.53
CA GLY C 64 28.47 -37.92 -23.67
C GLY C 64 27.34 -38.42 -22.76
N GLN C 65 27.70 -39.19 -21.72
CA GLN C 65 26.73 -39.85 -20.87
C GLN C 65 26.68 -39.20 -19.49
N THR C 66 27.58 -38.24 -19.24
CA THR C 66 27.51 -37.40 -18.06
C THR C 66 26.96 -36.03 -18.45
N LEU C 67 25.97 -35.57 -17.67
CA LEU C 67 25.30 -34.30 -17.87
C LEU C 67 25.17 -33.66 -16.50
N TYR C 68 25.32 -32.33 -16.45
CA TYR C 68 25.15 -31.63 -15.19
C TYR C 68 24.00 -30.65 -15.33
N PHE C 69 23.29 -30.42 -14.21
CA PHE C 69 22.20 -29.49 -14.14
C PHE C 69 22.19 -28.88 -12.75
N THR C 70 21.99 -27.55 -12.72
CA THR C 70 22.04 -26.79 -11.49
C THR C 70 20.65 -26.30 -11.19
N VAL C 71 20.06 -26.82 -10.11
CA VAL C 71 18.72 -26.42 -9.73
C VAL C 71 18.72 -25.56 -8.47
N LYS C 72 17.97 -24.45 -8.55
CA LYS C 72 17.72 -23.57 -7.42
C LYS C 72 16.25 -23.68 -7.03
N THR C 73 16.00 -23.81 -5.71
CA THR C 73 14.70 -23.86 -5.05
C THR C 73 13.90 -22.58 -5.31
N SER C 74 12.79 -22.74 -6.10
CA SER C 74 11.96 -21.62 -6.57
C SER C 74 10.54 -21.71 -5.98
N GLY C 75 10.08 -22.94 -5.64
CA GLY C 75 8.71 -23.20 -5.22
C GLY C 75 8.58 -24.52 -4.48
N ASP C 76 7.89 -25.48 -5.11
CA ASP C 76 7.56 -26.77 -4.50
C ASP C 76 8.39 -27.90 -5.10
N HIS C 77 8.46 -27.97 -6.44
CA HIS C 77 9.16 -29.04 -7.14
C HIS C 77 10.68 -28.88 -7.05
N THR C 78 11.16 -27.63 -7.16
CA THR C 78 12.56 -27.27 -6.99
C THR C 78 12.96 -27.35 -5.52
N LYS C 79 11.97 -27.21 -4.62
CA LYS C 79 12.14 -27.40 -3.19
C LYS C 79 12.18 -28.91 -2.88
N ASN C 80 11.22 -29.64 -3.45
CA ASN C 80 11.20 -31.09 -3.41
C ASN C 80 12.49 -31.64 -4.01
N ILE C 81 12.90 -31.07 -5.16
CA ILE C 81 14.19 -31.34 -5.77
C ILE C 81 15.32 -31.05 -4.76
N TYR C 82 15.40 -29.81 -4.25
CA TYR C 82 16.50 -29.46 -3.36
C TYR C 82 16.55 -30.41 -2.16
N ASP C 83 15.36 -30.76 -1.62
CA ASP C 83 15.28 -31.42 -0.34
C ASP C 83 15.61 -32.91 -0.46
N ASN C 84 14.72 -33.66 -1.12
CA ASN C 84 14.71 -35.10 -0.92
C ASN C 84 15.20 -35.81 -2.17
N LEU C 85 15.77 -35.03 -3.10
CA LEU C 85 16.38 -35.57 -4.29
C LEU C 85 17.53 -36.49 -3.89
N GLN C 86 17.46 -37.73 -4.38
CA GLN C 86 18.35 -38.79 -3.92
C GLN C 86 19.22 -39.23 -5.09
N ALA C 87 20.52 -39.30 -4.79
CA ALA C 87 21.43 -40.10 -5.57
C ALA C 87 20.75 -41.46 -5.82
N GLY C 88 20.47 -41.79 -7.08
CA GLY C 88 19.96 -43.11 -7.43
C GLY C 88 18.69 -43.01 -8.27
N SER C 89 17.85 -42.03 -7.94
CA SER C 89 16.60 -41.83 -8.67
C SER C 89 16.88 -41.54 -10.15
N LYS C 90 16.01 -42.03 -11.02
CA LYS C 90 16.19 -41.85 -12.44
C LYS C 90 15.40 -40.69 -13.00
N VAL C 91 15.73 -40.26 -14.21
CA VAL C 91 15.10 -39.14 -14.86
C VAL C 91 14.90 -39.36 -16.35
N THR C 92 14.14 -38.51 -17.02
CA THR C 92 13.94 -38.59 -18.46
C THR C 92 14.06 -37.22 -19.12
N LEU C 93 14.82 -37.15 -20.21
CA LEU C 93 15.02 -35.91 -20.93
C LEU C 93 14.51 -36.19 -22.34
N ASP C 94 14.45 -35.19 -23.23
CA ASP C 94 13.80 -35.44 -24.51
C ASP C 94 14.65 -34.96 -25.68
N ARG C 95 15.17 -33.74 -25.56
CA ARG C 95 15.95 -33.11 -26.60
C ARG C 95 16.73 -32.02 -25.88
N ALA C 96 17.80 -31.56 -26.51
CA ALA C 96 18.36 -30.28 -26.15
C ALA C 96 17.39 -29.24 -26.73
N TYR C 97 17.18 -28.16 -25.99
CA TYR C 97 16.37 -27.04 -26.44
C TYR C 97 17.13 -25.73 -26.23
N GLY C 98 16.82 -24.74 -27.07
CA GLY C 98 17.37 -23.41 -26.86
C GLY C 98 18.17 -22.94 -28.07
N HIS C 99 18.03 -21.64 -28.38
CA HIS C 99 18.67 -21.04 -29.53
C HIS C 99 19.75 -20.08 -29.04
N MET C 100 20.12 -20.22 -27.77
CA MET C 100 21.29 -19.48 -27.32
C MET C 100 22.51 -20.39 -27.42
N ILE C 101 23.24 -20.29 -28.54
CA ILE C 101 24.42 -21.12 -28.72
C ILE C 101 25.64 -20.21 -28.65
N ILE C 102 26.39 -20.28 -27.57
CA ILE C 102 27.53 -19.45 -27.36
C ILE C 102 28.66 -19.67 -28.34
N GLU C 103 28.84 -20.92 -28.73
CA GLU C 103 29.87 -21.32 -29.68
C GLU C 103 29.89 -20.40 -30.90
N GLU C 104 28.70 -19.95 -31.34
CA GLU C 104 28.50 -19.43 -32.69
C GLU C 104 28.47 -17.91 -32.76
N GLY C 105 29.07 -17.25 -31.77
CA GLY C 105 29.04 -15.81 -31.72
C GLY C 105 30.43 -15.26 -32.00
N ARG C 106 30.51 -13.99 -32.35
CA ARG C 106 31.75 -13.30 -32.60
C ARG C 106 32.78 -13.50 -31.48
N GLU C 107 34.04 -13.42 -31.87
CA GLU C 107 35.23 -13.66 -31.06
C GLU C 107 35.16 -12.91 -29.73
N ASN C 108 34.80 -11.63 -29.79
CA ASN C 108 34.49 -10.84 -28.63
C ASN C 108 33.05 -11.10 -28.18
N GLN C 109 32.86 -11.32 -26.87
CA GLN C 109 31.57 -11.69 -26.29
C GLN C 109 31.42 -11.01 -24.93
N VAL C 110 30.21 -10.49 -24.64
CA VAL C 110 29.88 -10.10 -23.29
C VAL C 110 28.86 -11.13 -22.79
N TRP C 111 29.17 -11.70 -21.62
CA TRP C 111 28.29 -12.63 -20.94
C TRP C 111 27.65 -11.91 -19.76
N ILE C 112 26.34 -12.13 -19.59
CA ILE C 112 25.62 -11.55 -18.46
C ILE C 112 24.72 -12.61 -17.84
N ALA C 113 25.00 -12.92 -16.58
CA ALA C 113 24.22 -13.88 -15.81
C ALA C 113 23.62 -13.21 -14.59
N GLY C 114 22.35 -13.48 -14.35
CA GLY C 114 21.83 -13.16 -13.04
C GLY C 114 21.33 -14.41 -12.33
N GLY C 115 21.81 -14.60 -11.09
CA GLY C 115 21.52 -15.78 -10.29
C GLY C 115 21.80 -17.05 -11.07
N ILE C 116 20.80 -17.93 -11.08
CA ILE C 116 20.98 -19.26 -11.64
C ILE C 116 21.10 -19.12 -13.16
N GLY C 117 21.08 -17.87 -13.64
CA GLY C 117 21.31 -17.55 -15.04
C GLY C 117 22.74 -17.92 -15.48
N ILE C 118 23.59 -18.20 -14.52
CA ILE C 118 24.97 -18.52 -14.74
C ILE C 118 25.21 -19.87 -15.31
N THR C 119 24.24 -20.74 -15.20
CA THR C 119 24.45 -22.11 -15.64
C THR C 119 24.89 -22.40 -17.06
N PRO C 120 24.30 -21.78 -18.07
CA PRO C 120 24.77 -22.07 -19.42
C PRO C 120 26.19 -21.63 -19.66
N PHE C 121 26.62 -20.57 -19.02
CA PHE C 121 27.98 -20.12 -19.15
C PHE C 121 28.95 -21.11 -18.50
N ILE C 122 28.52 -21.72 -17.41
CA ILE C 122 29.36 -22.73 -16.78
C ILE C 122 29.54 -23.87 -17.77
N SER C 123 28.50 -24.17 -18.53
CA SER C 123 28.64 -25.25 -19.50
C SER C 123 29.79 -24.90 -20.44
N TYR C 124 29.78 -23.66 -20.97
CA TYR C 124 30.81 -23.24 -21.90
C TYR C 124 32.19 -23.37 -21.25
N ILE C 125 32.34 -22.85 -20.02
CA ILE C 125 33.60 -22.86 -19.28
C ILE C 125 34.10 -24.29 -19.11
N ARG C 126 33.24 -25.18 -18.67
CA ARG C 126 33.64 -26.52 -18.45
C ARG C 126 33.93 -27.27 -19.70
N GLU C 127 33.35 -26.87 -20.79
CA GLU C 127 33.54 -27.62 -22.02
C GLU C 127 34.67 -27.00 -22.82
N HIS C 128 35.27 -25.91 -22.30
CA HIS C 128 36.33 -25.24 -23.03
C HIS C 128 37.42 -24.85 -22.04
N PRO C 129 38.17 -25.83 -21.46
CA PRO C 129 39.17 -25.50 -20.44
C PRO C 129 40.07 -24.35 -20.86
N ILE C 130 40.48 -24.31 -22.15
CA ILE C 130 41.18 -23.20 -22.78
C ILE C 130 40.19 -22.35 -23.59
N LEU C 131 40.01 -21.07 -23.18
CA LEU C 131 38.96 -20.24 -23.74
C LEU C 131 39.42 -19.73 -25.10
N ASP C 132 38.54 -19.85 -26.09
CA ASP C 132 38.86 -19.52 -27.47
C ASP C 132 38.24 -18.17 -27.85
N LYS C 133 37.42 -17.58 -26.97
CA LYS C 133 36.87 -16.25 -27.18
C LYS C 133 37.61 -15.20 -26.35
N GLN C 134 37.34 -13.91 -26.59
CA GLN C 134 37.61 -12.93 -25.54
C GLN C 134 36.26 -12.55 -24.92
N VAL C 135 36.23 -12.48 -23.58
CA VAL C 135 35.00 -12.50 -22.84
C VAL C 135 35.11 -11.55 -21.66
N HIS C 136 34.12 -10.64 -21.56
CA HIS C 136 33.75 -9.99 -20.31
C HIS C 136 32.55 -10.73 -19.73
N PHE C 137 32.65 -11.18 -18.47
CA PHE C 137 31.56 -11.91 -17.83
C PHE C 137 31.02 -11.13 -16.63
N TYR C 138 29.75 -10.70 -16.71
CA TYR C 138 29.08 -10.04 -15.59
C TYR C 138 28.16 -11.06 -14.92
N TYR C 139 28.55 -11.45 -13.71
CA TYR C 139 27.74 -12.34 -12.90
C TYR C 139 27.09 -11.50 -11.81
N SER C 140 25.75 -11.47 -11.82
CA SER C 140 24.99 -10.70 -10.84
C SER C 140 24.25 -11.64 -9.89
N PHE C 141 24.51 -11.50 -8.59
CA PHE C 141 23.91 -12.35 -7.57
C PHE C 141 23.45 -11.51 -6.39
N ARG C 142 22.40 -11.98 -5.67
CA ARG C 142 21.80 -11.22 -4.58
C ARG C 142 22.47 -11.52 -3.24
N GLY C 143 23.61 -10.87 -2.95
CA GLY C 143 24.38 -11.13 -1.75
C GLY C 143 25.23 -12.40 -1.83
N ASP C 144 26.32 -12.40 -1.06
CA ASP C 144 27.40 -13.38 -1.08
C ASP C 144 26.85 -14.80 -0.89
N GLU C 145 25.76 -14.90 -0.13
CA GLU C 145 25.11 -16.16 0.19
C GLU C 145 24.34 -16.73 -1.00
N ASN C 146 24.27 -15.96 -2.11
CA ASN C 146 23.55 -16.44 -3.29
C ASN C 146 24.48 -16.68 -4.48
N ALA C 147 25.77 -16.36 -4.36
CA ALA C 147 26.71 -16.66 -5.43
C ALA C 147 26.86 -18.17 -5.53
N VAL C 148 27.17 -18.66 -6.73
CA VAL C 148 27.57 -20.03 -6.94
C VAL C 148 28.80 -20.04 -7.83
N TYR C 149 29.65 -21.05 -7.65
CA TYR C 149 30.73 -21.37 -8.56
C TYR C 149 31.85 -20.33 -8.56
N LEU C 150 32.04 -19.60 -7.46
CA LEU C 150 33.03 -18.53 -7.43
C LEU C 150 34.42 -19.07 -7.76
N ASP C 151 34.82 -20.17 -7.09
CA ASP C 151 36.15 -20.72 -7.25
C ASP C 151 36.37 -21.18 -8.67
N LEU C 152 35.37 -21.93 -9.18
CA LEU C 152 35.38 -22.34 -10.58
C LEU C 152 35.64 -21.12 -11.47
N LEU C 153 34.97 -20.01 -11.19
CA LEU C 153 35.11 -18.81 -12.00
C LEU C 153 36.52 -18.22 -11.84
N ARG C 154 37.03 -18.12 -10.61
CA ARG C 154 38.32 -17.46 -10.37
C ARG C 154 39.46 -18.29 -10.98
N ASN C 155 39.39 -19.61 -10.77
CA ASN C 155 40.19 -20.56 -11.52
C ASN C 155 40.27 -20.14 -12.99
N TYR C 156 39.13 -20.18 -13.66
CA TYR C 156 39.09 -20.02 -15.11
C TYR C 156 39.74 -18.72 -15.58
N ALA C 157 39.53 -17.65 -14.80
CA ALA C 157 40.11 -16.33 -15.02
C ALA C 157 41.65 -16.38 -14.95
N GLN C 158 42.18 -17.22 -14.06
CA GLN C 158 43.61 -17.30 -13.83
C GLN C 158 44.25 -18.14 -14.93
N LYS C 159 43.51 -19.15 -15.38
CA LYS C 159 43.96 -20.02 -16.44
C LYS C 159 43.78 -19.35 -17.81
N ASN C 160 42.83 -18.40 -17.91
CA ASN C 160 42.52 -17.85 -19.22
C ASN C 160 42.44 -16.32 -19.10
N PRO C 161 43.50 -15.60 -19.53
CA PRO C 161 43.60 -14.18 -19.24
C PRO C 161 42.71 -13.36 -20.17
N ASN C 162 42.23 -14.00 -21.24
CA ASN C 162 41.26 -13.44 -22.17
C ASN C 162 39.83 -13.58 -21.62
N PHE C 163 39.70 -14.02 -20.36
CA PHE C 163 38.41 -14.13 -19.67
C PHE C 163 38.38 -13.13 -18.53
N GLU C 164 37.61 -12.05 -18.72
CA GLU C 164 37.52 -11.00 -17.72
C GLU C 164 36.24 -11.19 -16.91
N LEU C 165 36.41 -11.29 -15.58
CA LEU C 165 35.33 -11.59 -14.65
C LEU C 165 34.87 -10.32 -13.94
N HIS C 166 33.55 -10.03 -13.98
CA HIS C 166 32.99 -8.99 -13.12
C HIS C 166 31.89 -9.61 -12.25
N LEU C 167 32.21 -9.86 -10.97
CA LEU C 167 31.20 -10.22 -9.99
C LEU C 167 30.51 -8.96 -9.50
N ILE C 168 29.18 -9.05 -9.39
CA ILE C 168 28.35 -7.94 -8.95
C ILE C 168 27.42 -8.51 -7.91
N ASP C 169 27.50 -7.97 -6.71
CA ASP C 169 26.56 -8.31 -5.66
C ASP C 169 25.45 -7.26 -5.70
N SER C 170 24.33 -7.64 -6.30
CA SER C 170 23.26 -6.70 -6.57
C SER C 170 22.83 -5.97 -5.30
N THR C 171 23.03 -6.61 -4.13
CA THR C 171 22.60 -6.03 -2.87
C THR C 171 23.44 -4.83 -2.47
N LYS C 172 24.54 -4.58 -3.18
CA LYS C 172 25.49 -3.54 -2.82
C LYS C 172 25.60 -2.49 -3.93
N ASP C 173 25.64 -2.92 -5.18
CA ASP C 173 25.83 -1.94 -6.24
C ASP C 173 24.52 -1.79 -7.02
N GLY C 174 23.49 -2.53 -6.56
CA GLY C 174 22.18 -2.47 -7.15
C GLY C 174 22.13 -3.30 -8.43
N TYR C 175 20.94 -3.53 -8.95
CA TYR C 175 20.78 -4.32 -10.15
C TYR C 175 21.80 -3.82 -11.18
N LEU C 176 22.24 -4.71 -12.06
CA LEU C 176 23.23 -4.36 -13.06
C LEU C 176 22.63 -3.31 -13.99
N ASN C 177 23.36 -2.22 -14.20
CA ASN C 177 22.87 -1.07 -14.97
C ASN C 177 23.79 -0.81 -16.16
N PHE C 178 23.27 -1.12 -17.34
CA PHE C 178 24.02 -0.99 -18.58
C PHE C 178 23.54 0.24 -19.38
N GLU C 179 23.33 1.37 -18.69
CA GLU C 179 22.58 2.46 -19.31
C GLU C 179 23.45 3.14 -20.35
N GLN C 180 24.55 3.71 -19.87
CA GLN C 180 25.52 4.32 -20.76
C GLN C 180 26.76 3.43 -20.73
N LYS C 181 26.57 2.17 -21.11
CA LYS C 181 27.70 1.28 -21.32
C LYS C 181 27.88 1.09 -22.82
N GLU C 182 29.06 1.50 -23.32
CA GLU C 182 29.41 1.38 -24.73
C GLU C 182 29.94 -0.04 -24.98
N VAL C 183 29.25 -0.75 -25.88
CA VAL C 183 29.52 -2.14 -26.21
C VAL C 183 29.93 -2.31 -27.68
N PRO C 184 31.19 -2.74 -27.95
CA PRO C 184 31.71 -2.85 -29.31
C PRO C 184 30.79 -3.60 -30.27
N GLU C 185 30.72 -3.10 -31.51
CA GLU C 185 29.77 -3.52 -32.51
CA GLU C 185 29.77 -3.53 -32.51
C GLU C 185 30.02 -4.98 -32.89
N HIS C 186 31.29 -5.38 -32.89
CA HIS C 186 31.70 -6.68 -33.41
C HIS C 186 31.84 -7.70 -32.27
N ALA C 187 31.09 -7.47 -31.20
CA ALA C 187 30.99 -8.37 -30.07
C ALA C 187 29.56 -8.89 -29.97
N THR C 188 29.39 -10.12 -29.46
CA THR C 188 28.09 -10.67 -29.15
C THR C 188 27.80 -10.53 -27.66
N VAL C 189 26.52 -10.25 -27.34
CA VAL C 189 26.07 -10.23 -25.96
C VAL C 189 25.15 -11.42 -25.77
N TYR C 190 25.54 -12.31 -24.83
CA TYR C 190 24.66 -13.37 -24.35
C TYR C 190 24.29 -13.10 -22.89
N MET C 191 23.01 -13.33 -22.58
CA MET C 191 22.50 -12.98 -21.27
C MET C 191 21.63 -14.14 -20.83
N CYS C 192 21.69 -14.43 -19.54
CA CYS C 192 20.74 -15.39 -19.00
C CYS C 192 20.50 -15.03 -17.55
N GLY C 193 19.21 -15.07 -17.16
CA GLY C 193 18.79 -14.38 -15.95
C GLY C 193 17.29 -14.47 -15.75
N PRO C 194 16.81 -13.98 -14.59
CA PRO C 194 15.37 -13.79 -14.38
C PRO C 194 14.87 -12.85 -15.48
N ILE C 195 13.66 -13.15 -15.98
CA ILE C 195 13.12 -12.43 -17.13
C ILE C 195 13.07 -10.92 -16.88
N SER C 196 12.83 -10.50 -15.64
CA SER C 196 12.73 -9.08 -15.37
C SER C 196 14.06 -8.40 -15.66
N MET C 197 15.14 -9.14 -15.46
CA MET C 197 16.48 -8.59 -15.55
C MET C 197 16.86 -8.52 -17.02
N MET C 198 16.32 -9.46 -17.79
CA MET C 198 16.66 -9.61 -19.19
C MET C 198 15.99 -8.50 -19.99
N LYS C 199 14.74 -8.22 -19.69
CA LYS C 199 14.04 -7.18 -20.38
C LYS C 199 14.65 -5.84 -20.12
N ALA C 200 15.02 -5.59 -18.89
CA ALA C 200 15.60 -4.32 -18.56
C ALA C 200 16.93 -4.14 -19.19
N LEU C 201 17.70 -5.20 -19.27
CA LEU C 201 19.01 -5.12 -19.85
C LEU C 201 18.93 -5.02 -21.35
N ALA C 202 18.07 -5.81 -21.98
CA ALA C 202 17.80 -5.76 -23.40
C ALA C 202 17.58 -4.32 -23.87
N LYS C 203 16.47 -3.69 -23.45
CA LYS C 203 16.19 -2.28 -23.69
C LYS C 203 17.47 -1.43 -23.65
N GLN C 204 18.13 -1.39 -22.48
CA GLN C 204 19.23 -0.47 -22.24
C GLN C 204 20.37 -0.66 -23.24
N ILE C 205 20.38 -1.85 -23.88
CA ILE C 205 21.52 -2.31 -24.64
C ILE C 205 21.26 -2.01 -26.13
N LYS C 206 20.02 -2.23 -26.56
CA LYS C 206 19.58 -1.81 -27.89
C LYS C 206 19.68 -0.30 -28.08
N LYS C 207 19.41 0.49 -27.02
CA LYS C 207 19.48 1.94 -27.08
C LYS C 207 20.92 2.42 -27.34
N GLN C 208 21.88 2.05 -26.48
CA GLN C 208 23.23 2.53 -26.66
C GLN C 208 23.88 1.85 -27.87
N ASN C 209 23.76 0.52 -27.94
CA ASN C 209 24.60 -0.31 -28.80
C ASN C 209 23.70 -1.19 -29.67
N PRO C 210 22.93 -0.60 -30.61
CA PRO C 210 22.00 -1.37 -31.47
C PRO C 210 22.70 -2.04 -32.65
N LYS C 211 23.99 -1.73 -32.77
CA LYS C 211 24.94 -2.30 -33.74
C LYS C 211 25.56 -3.59 -33.19
N THR C 212 25.25 -3.91 -31.92
CA THR C 212 25.72 -5.09 -31.20
C THR C 212 24.63 -6.15 -31.18
N GLU C 213 24.98 -7.38 -31.53
CA GLU C 213 24.08 -8.53 -31.55
C GLU C 213 23.82 -8.93 -30.10
N LEU C 214 22.61 -9.46 -29.83
CA LEU C 214 22.12 -9.69 -28.48
C LEU C 214 21.16 -10.87 -28.46
N ILE C 215 21.55 -11.91 -27.71
CA ILE C 215 20.77 -13.14 -27.55
C ILE C 215 20.60 -13.41 -26.04
N TYR C 216 19.41 -13.88 -25.65
CA TYR C 216 19.16 -14.02 -24.23
C TYR C 216 18.09 -15.05 -23.97
N GLU C 217 18.04 -15.53 -22.72
CA GLU C 217 17.10 -16.53 -22.26
C GLU C 217 16.70 -16.16 -20.83
N GLY C 218 15.45 -15.71 -20.63
CA GLY C 218 14.87 -15.34 -19.33
C GLY C 218 14.01 -16.44 -18.73
N PHE C 219 14.05 -16.60 -17.39
CA PHE C 219 13.14 -17.54 -16.73
C PHE C 219 12.19 -16.80 -15.81
N LYS C 220 10.94 -17.30 -15.75
CA LYS C 220 9.98 -16.96 -14.73
C LYS C 220 10.52 -17.58 -13.46
N PHE C 221 10.79 -16.74 -12.47
CA PHE C 221 11.47 -17.20 -11.28
C PHE C 221 11.31 -16.19 -10.14
PA FAD D . -31.90 33.54 0.02
O1A FAD D . -32.44 33.20 -1.34
O2A FAD D . -30.79 34.55 0.18
O5B FAD D . -33.15 34.04 0.93
C5B FAD D . -33.22 33.67 2.31
C4B FAD D . -34.66 33.81 2.80
O4B FAD D . -35.15 35.11 2.49
C3B FAD D . -35.57 32.79 2.12
O3B FAD D . -36.15 31.92 3.11
C2B FAD D . -36.62 33.60 1.37
O2B FAD D . -37.96 33.28 1.78
C1B FAD D . -36.33 35.07 1.68
N9A FAD D . -36.09 35.81 0.41
C8A FAD D . -35.37 35.36 -0.64
N7A FAD D . -35.35 36.28 -1.64
C5A FAD D . -36.07 37.34 -1.23
C6A FAD D . -36.46 38.65 -1.80
N6A FAD D . -36.05 39.03 -3.04
N1A FAD D . -37.22 39.47 -1.05
C2A FAD D . -37.63 39.11 0.19
N3A FAD D . -37.32 37.94 0.77
C4A FAD D . -36.56 37.02 0.12
N1 FAD D . -29.19 26.69 6.98
C2 FAD D . -29.14 25.35 6.77
O2 FAD D . -29.78 24.85 5.81
N3 FAD D . -28.41 24.52 7.54
C4 FAD D . -27.69 24.96 8.59
O4 FAD D . -27.04 24.17 9.28
C4X FAD D . -27.70 26.41 8.88
N5 FAD D . -27.01 26.94 9.92
C5X FAD D . -27.04 28.26 10.17
C6 FAD D . -26.31 28.79 11.23
C7 FAD D . -26.34 30.16 11.49
C7M FAD D . -25.55 30.71 12.65
C8 FAD D . -27.14 31.06 10.63
C8M FAD D . -27.17 32.54 10.92
C9 FAD D . -27.87 30.55 9.56
C9A FAD D . -27.84 29.18 9.30
N10 FAD D . -28.58 28.66 8.22
C10 FAD D . -28.52 27.26 7.99
C1' FAD D . -29.37 29.53 7.35
C2' FAD D . -28.58 29.82 6.08
O2' FAD D . -27.38 30.51 6.42
C3' FAD D . -29.41 30.68 5.12
O3' FAD D . -30.78 30.27 5.17
C4' FAD D . -28.89 30.54 3.70
O4' FAD D . -27.54 31.02 3.62
C5' FAD D . -29.76 31.32 2.71
O5' FAD D . -29.29 31.09 1.39
P FAD D . -30.27 31.28 0.12
O1P FAD D . -29.55 32.10 -0.91
O2P FAD D . -30.85 29.93 -0.23
O3P FAD D . -31.46 32.18 0.74
CL CL E . -38.87 32.65 11.93
CL CL F . 17.67 -7.81 -3.37
PA FAD G . 6.84 -23.22 -9.79
O1A FAD G . 5.89 -22.91 -8.67
O2A FAD G . 6.39 -24.11 -10.93
O5B FAD G . 7.39 -21.85 -10.41
C5B FAD G . 8.20 -20.98 -9.63
C4B FAD G . 7.84 -19.52 -9.94
O4B FAD G . 6.44 -19.40 -10.14
C3B FAD G . 8.23 -18.60 -8.79
O3B FAD G . 9.26 -17.70 -9.22
C2B FAD G . 6.96 -17.88 -8.37
O2B FAD G . 7.04 -16.46 -8.55
C1B FAD G . 5.85 -18.44 -9.25
N9A FAD G . 4.82 -19.10 -8.41
C8A FAD G . 5.07 -19.88 -7.34
N7A FAD G . 3.92 -20.33 -6.79
C5A FAD G . 2.90 -19.84 -7.53
C6A FAD G . 1.41 -19.92 -7.49
N6A FAD G . 0.77 -20.65 -6.54
N1A FAD G . 0.73 -19.25 -8.45
C2A FAD G . 1.35 -18.53 -9.39
N3A FAD G . 2.69 -18.41 -9.48
C4A FAD G . 3.50 -19.02 -8.59
N1 FAD G . 15.94 -23.03 -13.00
C2 FAD G . 17.07 -23.45 -12.39
O2 FAD G . 17.06 -23.59 -11.14
N3 FAD G . 18.21 -23.72 -13.05
C4 FAD G . 18.31 -23.59 -14.38
O4 FAD G . 19.38 -23.85 -14.97
C4X FAD G . 17.11 -23.13 -15.13
N5 FAD G . 17.13 -22.98 -16.48
C5X FAD G . 16.03 -22.57 -17.14
C6 FAD G . 16.07 -22.41 -18.52
C7 FAD G . 14.94 -21.98 -19.20
C7M FAD G . 14.98 -21.82 -20.70
C8 FAD G . 13.68 -21.68 -18.47
C8M FAD G . 12.46 -21.22 -19.20
C9 FAD G . 13.64 -21.83 -17.08
C9A FAD G . 14.77 -22.26 -16.40
N10 FAD G . 14.73 -22.42 -15.00
C10 FAD G . 15.90 -22.85 -14.34
C1' FAD G . 13.51 -22.13 -14.24
C2' FAD G . 12.94 -23.41 -13.66
O2' FAD G . 12.11 -24.05 -14.65
C3' FAD G . 12.11 -23.14 -12.41
O3' FAD G . 12.98 -22.71 -11.36
C4' FAD G . 11.34 -24.37 -11.98
O4' FAD G . 11.07 -25.21 -13.11
C5' FAD G . 10.02 -23.98 -11.31
O5' FAD G . 9.28 -25.16 -11.01
P FAD G . 8.62 -25.36 -9.55
O1P FAD G . 7.38 -26.21 -9.71
O2P FAD G . 9.71 -25.79 -8.61
O3P FAD G . 8.17 -23.87 -9.15
#